data_6DJG
#
_entry.id   6DJG
#
_cell.length_a   49.538
_cell.length_b   105.316
_cell.length_c   193.736
_cell.angle_alpha   90.00
_cell.angle_beta   90.00
_cell.angle_gamma   90.00
#
_symmetry.space_group_name_H-M   'P 21 21 21'
#
loop_
_entity.id
_entity.type
_entity.pdbx_description
1 polymer 'Tyrosyl-DNA phosphodiesterase 1'
2 non-polymer 1,2-ETHANEDIOL
3 non-polymer '4-hydroxy-8-sulfoquinoline-3-carboxylic acid'
4 water water
#
_entity_poly.entity_id   1
_entity_poly.type   'polypeptide(L)'
_entity_poly.pdbx_seq_one_letter_code
;SGEGQDIWDMLDKGNPFQFYLTRVSGVKPKYNSGALHIKDILSPLFGTLVSSAQFNYCFDVDWLVKQYPPEFRKKPILLV
HGDKREAKAHLHAQAKPYENISLCQAKLDIAFGTHHTKMMLLLYEEGLRVVIHTSNLIHADWHQKTQGIWLSPLYPRIAD
GTHKSGESPTHFKADLISYLMAYNAPSLKEWIDVIHKHDLSETNVYLIGSTPGRFQGSQKDNWGHFRLKKLLKDHASSMP
NAESWPVVGQFSSVGSLGADESKWLCSEFKESMLTLGKESKTPGKSSVPLYLIYPSVENVRTSLEGYPAGGSLPYSIQTA
EKQNWLHSYFHKWSAETSGRSNAMPHIKTYMRPSPDFSKIAWFLVTSANLSKAAWGALEKNGTQLMIRSYELGVLFLPSA
FGLDSFKVKQKFFAGSQEPMATFPVPYDLPPELYGSKDRPWIWNIPYVKAPDTHGNMWVPS
;
_entity_poly.pdbx_strand_id   A,B
#
# COMPACT_ATOMS: atom_id res chain seq x y z
N ASN A 15 -15.90 6.37 17.65
CA ASN A 15 -14.49 6.35 17.27
C ASN A 15 -14.21 5.32 16.19
N PRO A 16 -13.39 5.70 15.20
CA PRO A 16 -12.84 4.70 14.28
C PRO A 16 -11.50 4.13 14.71
N PHE A 17 -10.92 4.61 15.82
CA PHE A 17 -9.53 4.25 16.11
C PHE A 17 -9.39 2.94 16.87
N GLN A 18 -10.35 2.61 17.73
CA GLN A 18 -10.34 1.33 18.44
C GLN A 18 -9.10 1.23 19.33
N PHE A 19 -8.73 2.35 19.92
CA PHE A 19 -7.63 2.41 20.88
C PHE A 19 -8.27 2.48 22.27
N TYR A 20 -7.90 1.56 23.15
CA TYR A 20 -8.49 1.48 24.48
C TYR A 20 -7.40 1.46 25.54
N LEU A 21 -7.80 1.85 26.75
CA LEU A 21 -7.00 1.63 27.94
C LEU A 21 -7.54 0.42 28.70
N THR A 22 -6.68 -0.23 29.48
CA THR A 22 -7.15 -1.26 30.38
C THR A 22 -7.92 -0.64 31.54
N ARG A 23 -8.81 -1.43 32.13
CA ARG A 23 -9.55 -1.03 33.33
C ARG A 23 -8.59 -0.85 34.50
N VAL A 24 -8.82 0.19 35.30
CA VAL A 24 -7.99 0.49 36.46
C VAL A 24 -8.85 0.38 37.71
N SER A 25 -8.46 -0.51 38.63
N SER A 25 -8.46 -0.51 38.62
CA SER A 25 -9.19 -0.67 39.87
CA SER A 25 -9.17 -0.68 39.88
C SER A 25 -8.92 0.52 40.79
C SER A 25 -8.91 0.54 40.77
N GLY A 26 -9.98 1.22 41.18
CA GLY A 26 -9.87 2.33 42.11
C GLY A 26 -10.14 3.71 41.54
N VAL A 27 -10.36 3.85 40.23
CA VAL A 27 -10.82 5.11 39.68
C VAL A 27 -12.34 5.07 39.60
N LYS A 28 -12.96 6.25 39.46
CA LYS A 28 -14.42 6.28 39.46
C LYS A 28 -14.92 5.70 38.14
N PRO A 29 -16.13 5.12 38.12
CA PRO A 29 -16.65 4.51 36.88
C PRO A 29 -16.49 5.31 35.61
N LYS A 30 -16.56 6.65 35.67
CA LYS A 30 -16.45 7.43 34.44
C LYS A 30 -15.13 7.19 33.72
N TYR A 31 -14.09 6.79 34.45
CA TYR A 31 -12.78 6.58 33.86
C TYR A 31 -12.54 5.14 33.44
N ASN A 32 -13.50 4.25 33.71
CA ASN A 32 -13.44 2.88 33.19
C ASN A 32 -14.53 2.59 32.17
N SER A 33 -15.41 3.55 31.87
CA SER A 33 -16.53 3.26 30.98
C SER A 33 -16.04 2.81 29.61
N GLY A 34 -15.14 3.56 29.00
CA GLY A 34 -14.64 3.05 27.73
C GLY A 34 -13.46 2.10 27.80
N ALA A 35 -13.10 1.56 28.96
CA ALA A 35 -11.89 0.77 29.14
C ALA A 35 -12.19 -0.70 28.99
N LEU A 36 -11.13 -1.51 28.81
CA LEU A 36 -11.29 -2.94 28.59
C LEU A 36 -10.44 -3.73 29.57
N HIS A 37 -11.07 -4.63 30.31
CA HIS A 37 -10.34 -5.67 31.02
C HIS A 37 -10.14 -6.86 30.09
N ILE A 38 -9.16 -7.70 30.43
CA ILE A 38 -8.90 -8.86 29.58
C ILE A 38 -10.12 -9.77 29.50
N LYS A 39 -10.91 -9.85 30.57
CA LYS A 39 -12.13 -10.66 30.51
C LYS A 39 -13.10 -10.10 29.48
N ASP A 40 -13.13 -8.77 29.32
CA ASP A 40 -13.93 -8.16 28.27
C ASP A 40 -13.43 -8.59 26.89
N ILE A 41 -12.12 -8.57 26.67
CA ILE A 41 -11.56 -8.90 25.36
C ILE A 41 -11.89 -10.33 24.98
N LEU A 42 -11.79 -11.25 25.95
CA LEU A 42 -12.01 -12.67 25.68
C LEU A 42 -13.48 -13.06 25.77
N SER A 43 -14.36 -12.12 26.10
CA SER A 43 -15.76 -12.42 26.35
C SER A 43 -16.44 -12.97 25.09
N PRO A 44 -17.48 -13.80 25.26
N PRO A 44 -17.48 -13.81 25.25
CA PRO A 44 -18.22 -14.29 24.08
CA PRO A 44 -18.22 -14.29 24.08
C PRO A 44 -18.80 -13.17 23.24
C PRO A 44 -18.79 -13.17 23.24
N LEU A 45 -19.03 -11.99 23.83
CA LEU A 45 -19.54 -10.87 23.06
C LEU A 45 -18.61 -10.45 21.93
N PHE A 46 -17.32 -10.78 22.01
CA PHE A 46 -16.38 -10.43 20.95
C PHE A 46 -16.26 -11.49 19.87
N GLY A 47 -16.77 -12.69 20.11
CA GLY A 47 -16.66 -13.77 19.15
C GLY A 47 -16.70 -15.10 19.88
N THR A 48 -17.09 -16.15 19.15
CA THR A 48 -17.15 -17.50 19.71
C THR A 48 -15.80 -18.15 19.49
N LEU A 49 -15.01 -18.24 20.56
CA LEU A 49 -13.61 -18.61 20.46
C LEU A 49 -13.45 -20.05 20.00
N VAL A 50 -12.59 -20.26 19.00
CA VAL A 50 -12.16 -21.58 18.58
C VAL A 50 -10.75 -21.89 19.07
N SER A 51 -9.86 -20.91 19.00
N SER A 51 -9.85 -20.90 19.01
CA SER A 51 -8.50 -21.07 19.47
CA SER A 51 -8.42 -21.07 19.25
C SER A 51 -7.91 -19.67 19.61
C SER A 51 -7.79 -19.70 19.41
N SER A 52 -6.73 -19.61 20.22
CA SER A 52 -6.09 -18.33 20.45
C SER A 52 -4.59 -18.52 20.59
N ALA A 53 -3.86 -17.47 20.23
CA ALA A 53 -2.43 -17.38 20.45
C ALA A 53 -2.20 -16.17 21.33
N GLN A 54 -1.40 -16.33 22.38
CA GLN A 54 -1.05 -15.24 23.30
C GLN A 54 0.44 -15.01 23.19
N PHE A 55 0.84 -13.95 22.48
CA PHE A 55 2.23 -13.51 22.45
C PHE A 55 2.46 -12.62 23.67
N ASN A 56 3.50 -12.93 24.45
CA ASN A 56 3.78 -12.07 25.58
C ASN A 56 5.19 -12.30 26.09
N TYR A 57 5.50 -11.61 27.19
CA TYR A 57 6.78 -11.73 27.86
C TYR A 57 6.63 -12.52 29.15
N CYS A 58 5.80 -12.05 30.06
N CYS A 58 5.76 -12.07 30.05
CA CYS A 58 5.52 -12.72 31.33
CA CYS A 58 5.56 -12.73 31.33
C CYS A 58 4.13 -13.33 31.30
C CYS A 58 4.14 -13.29 31.39
N PHE A 59 4.00 -14.53 31.85
CA PHE A 59 2.75 -15.27 31.90
C PHE A 59 2.50 -15.80 33.30
N ASP A 60 1.28 -15.66 33.78
CA ASP A 60 0.77 -16.41 34.92
C ASP A 60 -0.32 -17.28 34.33
N VAL A 61 0.02 -18.54 34.05
CA VAL A 61 -0.87 -19.35 33.24
C VAL A 61 -2.17 -19.65 33.99
N ASP A 62 -2.06 -19.93 35.30
N ASP A 62 -2.06 -19.91 35.30
CA ASP A 62 -3.26 -20.15 36.11
CA ASP A 62 -3.26 -20.15 36.11
C ASP A 62 -4.21 -18.96 36.01
C ASP A 62 -4.21 -18.96 36.05
N TRP A 63 -3.67 -17.75 36.23
CA TRP A 63 -4.49 -16.54 36.08
C TRP A 63 -5.03 -16.42 34.67
N LEU A 64 -4.16 -16.63 33.68
CA LEU A 64 -4.56 -16.43 32.29
C LEU A 64 -5.77 -17.29 31.91
N VAL A 65 -5.74 -18.58 32.25
CA VAL A 65 -6.84 -19.45 31.87
C VAL A 65 -8.14 -18.98 32.51
N LYS A 66 -8.06 -18.50 33.76
CA LYS A 66 -9.26 -17.96 34.42
C LYS A 66 -9.85 -16.73 33.71
N GLN A 67 -9.06 -16.02 32.89
CA GLN A 67 -9.59 -14.83 32.23
C GLN A 67 -10.42 -15.17 31.00
N TYR A 68 -10.26 -16.36 30.46
CA TYR A 68 -11.13 -16.84 29.41
C TYR A 68 -12.48 -17.21 30.01
N PRO A 69 -13.57 -17.01 29.27
CA PRO A 69 -14.87 -17.47 29.76
C PRO A 69 -14.82 -18.95 30.02
N PRO A 70 -15.56 -19.43 31.03
CA PRO A 70 -15.51 -20.87 31.35
C PRO A 70 -15.78 -21.76 30.15
N GLU A 71 -16.74 -21.38 29.30
CA GLU A 71 -17.08 -22.19 28.13
C GLU A 71 -15.95 -22.24 27.09
N PHE A 72 -14.96 -21.35 27.18
CA PHE A 72 -13.86 -21.33 26.22
C PHE A 72 -12.54 -21.80 26.81
N ARG A 73 -12.51 -22.19 28.09
CA ARG A 73 -11.25 -22.41 28.77
C ARG A 73 -10.49 -23.63 28.29
N LYS A 74 -11.12 -24.55 27.58
CA LYS A 74 -10.43 -25.70 27.07
C LYS A 74 -10.10 -25.59 25.59
N LYS A 75 -10.42 -24.47 24.97
CA LYS A 75 -10.03 -24.28 23.57
C LYS A 75 -8.51 -24.18 23.50
N PRO A 76 -7.92 -24.54 22.36
CA PRO A 76 -6.46 -24.51 22.25
C PRO A 76 -5.92 -23.10 22.48
N ILE A 77 -4.83 -23.01 23.23
CA ILE A 77 -4.10 -21.77 23.45
C ILE A 77 -2.64 -22.04 23.12
N LEU A 78 -2.05 -21.16 22.33
CA LEU A 78 -0.61 -21.16 22.06
C LEU A 78 0.00 -20.00 22.83
N LEU A 79 0.99 -20.27 23.67
CA LEU A 79 1.73 -19.22 24.37
C LEU A 79 3.05 -18.98 23.63
N VAL A 80 3.25 -17.76 23.13
CA VAL A 80 4.47 -17.43 22.38
C VAL A 80 5.34 -16.57 23.29
N HIS A 81 6.53 -17.10 23.62
CA HIS A 81 7.37 -16.52 24.65
C HIS A 81 8.82 -16.59 24.20
N GLY A 82 9.70 -15.94 24.95
CA GLY A 82 11.11 -16.01 24.63
C GLY A 82 11.98 -16.64 25.71
N ASP A 83 11.36 -17.33 26.67
CA ASP A 83 12.08 -17.83 27.83
C ASP A 83 13.03 -18.96 27.45
N LYS A 84 14.15 -19.02 28.17
CA LYS A 84 15.18 -20.03 27.98
C LYS A 84 15.54 -20.63 29.33
N ARG A 85 16.20 -21.78 29.28
CA ARG A 85 16.84 -22.40 30.45
C ARG A 85 15.80 -22.57 31.55
N GLU A 86 16.08 -22.16 32.79
CA GLU A 86 15.15 -22.47 33.89
C GLU A 86 13.87 -21.64 33.80
N ALA A 87 13.97 -20.42 33.27
CA ALA A 87 12.77 -19.65 33.01
C ALA A 87 11.83 -20.41 32.07
N LYS A 88 12.39 -21.01 31.02
CA LYS A 88 11.59 -21.84 30.12
C LYS A 88 10.99 -23.02 30.85
N ALA A 89 11.79 -23.71 31.66
CA ALA A 89 11.27 -24.84 32.41
C ALA A 89 10.13 -24.41 33.32
N HIS A 90 10.24 -23.25 33.98
CA HIS A 90 9.17 -22.79 34.86
C HIS A 90 7.88 -22.58 34.07
N LEU A 91 7.97 -22.01 32.87
CA LEU A 91 6.77 -21.75 32.07
C LEU A 91 6.11 -23.05 31.64
N HIS A 92 6.91 -24.02 31.18
CA HIS A 92 6.36 -25.32 30.84
C HIS A 92 5.67 -25.96 32.05
N ALA A 93 6.29 -25.85 33.23
CA ALA A 93 5.68 -26.42 34.44
C ALA A 93 4.36 -25.72 34.76
N GLN A 94 4.30 -24.41 34.56
CA GLN A 94 3.04 -23.68 34.71
C GLN A 94 1.95 -24.22 33.80
N ALA A 95 2.31 -24.55 32.56
CA ALA A 95 1.31 -24.89 31.55
C ALA A 95 0.96 -26.38 31.53
N LYS A 96 1.85 -27.24 32.01
CA LYS A 96 1.59 -28.69 31.99
C LYS A 96 0.22 -29.11 32.52
N PRO A 97 -0.34 -28.51 33.58
CA PRO A 97 -1.68 -28.95 34.03
C PRO A 97 -2.77 -28.74 33.01
N TYR A 98 -2.57 -27.92 31.98
CA TYR A 98 -3.61 -27.55 31.03
C TYR A 98 -3.30 -28.20 29.69
N GLU A 99 -4.04 -29.28 29.39
CA GLU A 99 -3.75 -30.08 28.21
C GLU A 99 -3.92 -29.31 26.91
N ASN A 100 -4.71 -28.24 26.90
CA ASN A 100 -5.01 -27.47 25.71
C ASN A 100 -3.99 -26.38 25.41
N ILE A 101 -2.95 -26.24 26.21
CA ILE A 101 -1.98 -25.18 26.05
C ILE A 101 -0.73 -25.74 25.37
N SER A 102 -0.36 -25.13 24.25
CA SER A 102 0.92 -25.33 23.60
C SER A 102 1.80 -24.10 23.78
N LEU A 103 3.11 -24.31 23.62
CA LEU A 103 4.08 -23.25 23.79
C LEU A 103 4.97 -23.16 22.56
N CYS A 104 5.37 -21.92 22.25
CA CYS A 104 6.26 -21.63 21.13
C CYS A 104 7.36 -20.76 21.69
N GLN A 105 8.60 -21.26 21.67
CA GLN A 105 9.74 -20.49 22.14
C GLN A 105 10.30 -19.69 20.97
N ALA A 106 10.16 -18.37 21.04
CA ALA A 106 10.66 -17.53 19.97
C ALA A 106 12.17 -17.54 19.99
N LYS A 107 12.79 -17.77 18.84
CA LYS A 107 14.24 -17.84 18.82
C LYS A 107 14.82 -16.46 19.09
N LEU A 108 15.86 -16.43 19.92
CA LEU A 108 16.52 -15.19 20.33
C LEU A 108 18.01 -15.43 20.15
N ASP A 109 18.47 -15.31 18.91
CA ASP A 109 19.83 -15.66 18.55
C ASP A 109 20.81 -14.51 18.72
N ILE A 110 20.35 -13.35 19.16
CA ILE A 110 21.22 -12.21 19.47
C ILE A 110 21.23 -12.04 20.97
N ALA A 111 22.43 -11.85 21.54
CA ALA A 111 22.56 -11.75 22.99
C ALA A 111 21.70 -10.63 23.55
N PHE A 112 21.17 -10.87 24.75
CA PHE A 112 20.36 -9.93 25.53
C PHE A 112 19.03 -9.61 24.84
N GLY A 113 18.64 -10.39 23.84
CA GLY A 113 17.35 -10.19 23.23
C GLY A 113 16.23 -10.74 24.08
N THR A 114 15.03 -10.19 23.88
CA THR A 114 13.87 -10.65 24.62
C THR A 114 12.66 -10.64 23.69
N HIS A 115 11.59 -11.31 24.12
CA HIS A 115 10.35 -11.34 23.34
C HIS A 115 9.32 -10.49 24.07
N HIS A 116 9.20 -9.22 23.64
CA HIS A 116 8.33 -8.26 24.32
C HIS A 116 6.97 -8.09 23.65
N THR A 117 6.81 -8.58 22.43
CA THR A 117 5.57 -8.43 21.68
C THR A 117 4.37 -8.92 22.48
N LYS A 118 3.34 -8.08 22.55
CA LYS A 118 2.13 -8.41 23.29
C LYS A 118 0.96 -8.36 22.32
N MET A 119 0.42 -9.53 22.02
CA MET A 119 -0.52 -9.68 20.93
C MET A 119 -1.40 -10.89 21.20
N MET A 120 -2.68 -10.77 20.91
CA MET A 120 -3.58 -11.91 20.91
C MET A 120 -4.06 -12.14 19.49
N LEU A 121 -4.01 -13.38 19.04
CA LEU A 121 -4.69 -13.82 17.83
C LEU A 121 -5.89 -14.63 18.28
N LEU A 122 -7.08 -14.19 17.92
CA LEU A 122 -8.32 -14.78 18.41
C LEU A 122 -9.09 -15.31 17.22
N LEU A 123 -9.10 -16.63 17.06
CA LEU A 123 -9.83 -17.27 15.97
C LEU A 123 -11.22 -17.64 16.47
N TYR A 124 -12.24 -17.12 15.80
CA TYR A 124 -13.62 -17.39 16.20
C TYR A 124 -14.29 -18.21 15.12
N GLU A 125 -15.49 -18.71 15.46
CA GLU A 125 -16.41 -19.22 14.45
C GLU A 125 -16.73 -18.17 13.41
N GLU A 126 -16.88 -16.92 13.85
CA GLU A 126 -17.34 -15.80 13.03
C GLU A 126 -16.22 -15.09 12.29
N GLY A 127 -14.98 -15.37 12.59
CA GLY A 127 -13.91 -14.64 11.92
C GLY A 127 -12.66 -14.65 12.76
N LEU A 128 -11.88 -13.59 12.63
CA LEU A 128 -10.58 -13.51 13.28
C LEU A 128 -10.43 -12.11 13.84
N ARG A 129 -9.86 -12.02 15.04
CA ARG A 129 -9.51 -10.72 15.60
C ARG A 129 -8.04 -10.72 15.98
N VAL A 130 -7.41 -9.56 15.81
CA VAL A 130 -6.04 -9.32 16.26
C VAL A 130 -6.08 -8.25 17.34
N VAL A 131 -5.37 -8.49 18.44
CA VAL A 131 -5.28 -7.55 19.56
C VAL A 131 -3.80 -7.25 19.77
N ILE A 132 -3.41 -5.99 19.65
CA ILE A 132 -2.03 -5.61 19.95
C ILE A 132 -2.05 -4.65 21.12
N HIS A 133 -1.30 -4.99 22.17
CA HIS A 133 -1.48 -4.31 23.44
C HIS A 133 -0.14 -4.25 24.19
N THR A 134 -0.18 -3.81 25.46
CA THR A 134 1.05 -3.54 26.18
C THR A 134 1.20 -4.29 27.49
N SER A 135 0.23 -5.12 27.87
CA SER A 135 0.19 -5.75 29.19
C SER A 135 0.76 -7.16 29.17
N ASN A 136 1.53 -7.48 30.21
CA ASN A 136 1.87 -8.87 30.47
C ASN A 136 0.62 -9.65 30.92
N LEU A 137 0.68 -10.96 30.82
CA LEU A 137 -0.47 -11.78 31.21
C LEU A 137 -0.34 -12.20 32.66
N ILE A 138 -0.33 -11.19 33.53
CA ILE A 138 -0.30 -11.38 34.97
C ILE A 138 -1.28 -10.37 35.57
N HIS A 139 -1.81 -10.71 36.75
CA HIS A 139 -2.86 -9.90 37.37
C HIS A 139 -2.46 -8.44 37.51
N ALA A 140 -1.23 -8.17 37.98
CA ALA A 140 -0.86 -6.80 38.31
C ALA A 140 -0.78 -5.89 37.08
N ASP A 141 -0.50 -6.45 35.90
CA ASP A 141 -0.41 -5.60 34.72
C ASP A 141 -1.78 -5.09 34.27
N TRP A 142 -2.86 -5.71 34.75
CA TRP A 142 -4.20 -5.31 34.36
C TRP A 142 -4.96 -4.69 35.52
N HIS A 143 -4.31 -4.50 36.64
CA HIS A 143 -5.00 -4.12 37.88
C HIS A 143 -5.04 -2.60 38.03
N GLN A 144 -3.88 -1.96 38.22
CA GLN A 144 -3.87 -0.50 38.42
C GLN A 144 -2.82 0.20 37.58
N LYS A 145 -2.54 -0.29 36.37
CA LYS A 145 -1.59 0.35 35.49
C LYS A 145 -2.32 1.03 34.33
N THR A 146 -1.65 2.01 33.73
CA THR A 146 -2.09 2.53 32.44
C THR A 146 -1.46 1.65 31.36
N GLN A 147 -2.30 0.91 30.63
CA GLN A 147 -1.91 0.03 29.53
C GLN A 147 -2.75 0.38 28.31
N GLY A 148 -2.22 0.12 27.10
CA GLY A 148 -2.92 0.41 25.87
C GLY A 148 -3.29 -0.84 25.09
N ILE A 149 -4.40 -0.76 24.34
CA ILE A 149 -4.93 -1.88 23.55
C ILE A 149 -5.38 -1.33 22.21
N TRP A 150 -4.99 -1.99 21.12
CA TRP A 150 -5.65 -1.81 19.83
C TRP A 150 -6.42 -3.08 19.49
N LEU A 151 -7.71 -2.90 19.19
CA LEU A 151 -8.59 -3.99 18.79
C LEU A 151 -8.84 -3.90 17.29
N SER A 152 -8.45 -4.93 16.57
CA SER A 152 -8.78 -5.01 15.15
C SER A 152 -10.29 -5.17 14.99
N PRO A 153 -10.81 -4.90 13.79
CA PRO A 153 -12.18 -5.31 13.47
C PRO A 153 -12.29 -6.82 13.50
N LEU A 154 -13.53 -7.29 13.53
CA LEU A 154 -13.78 -8.70 13.26
C LEU A 154 -13.50 -8.97 11.78
N TYR A 155 -12.46 -9.75 11.51
CA TYR A 155 -12.11 -10.03 10.12
C TYR A 155 -12.87 -11.25 9.62
N PRO A 156 -13.68 -11.14 8.57
CA PRO A 156 -14.42 -12.31 8.09
C PRO A 156 -13.52 -13.24 7.30
N ARG A 157 -13.93 -14.51 7.26
CA ARG A 157 -13.18 -15.51 6.50
C ARG A 157 -13.46 -15.33 5.01
N ILE A 158 -12.42 -15.50 4.20
CA ILE A 158 -12.61 -15.46 2.76
C ILE A 158 -13.21 -16.79 2.33
N ALA A 159 -14.25 -16.73 1.51
CA ALA A 159 -14.94 -17.93 1.07
C ALA A 159 -14.00 -18.86 0.33
N ASP A 160 -14.07 -20.16 0.66
CA ASP A 160 -13.27 -21.17 -0.01
C ASP A 160 -13.55 -21.18 -1.50
N GLY A 161 -12.49 -21.15 -2.31
CA GLY A 161 -12.61 -21.00 -3.75
C GLY A 161 -12.50 -19.57 -4.24
N THR A 162 -12.81 -18.58 -3.40
CA THR A 162 -12.67 -17.18 -3.78
C THR A 162 -11.20 -16.77 -3.69
N HIS A 163 -10.73 -16.06 -4.71
CA HIS A 163 -9.36 -15.54 -4.75
C HIS A 163 -9.44 -14.03 -4.61
N LYS A 164 -9.12 -13.54 -3.41
CA LYS A 164 -8.92 -12.11 -3.18
C LYS A 164 -7.76 -11.97 -2.20
N SER A 165 -7.16 -10.79 -2.19
CA SER A 165 -6.02 -10.58 -1.29
C SER A 165 -6.47 -10.54 0.15
N GLY A 166 -7.63 -9.92 0.42
CA GLY A 166 -7.93 -9.57 1.80
C GLY A 166 -6.98 -8.55 2.39
N GLU A 167 -6.31 -7.77 1.56
CA GLU A 167 -5.31 -6.82 2.04
C GLU A 167 -5.95 -5.46 2.28
N SER A 168 -5.36 -4.70 3.22
N SER A 168 -5.37 -4.70 3.22
CA SER A 168 -5.80 -3.35 3.51
CA SER A 168 -5.82 -3.35 3.51
C SER A 168 -4.96 -2.33 2.76
C SER A 168 -4.95 -2.33 2.79
N PRO A 169 -5.42 -1.08 2.67
CA PRO A 169 -4.55 -0.04 2.12
C PRO A 169 -3.27 0.16 2.91
N THR A 170 -3.25 -0.24 4.19
CA THR A 170 -2.04 -0.12 5.00
C THR A 170 -1.13 -1.35 4.91
N HIS A 171 -1.46 -2.34 4.08
CA HIS A 171 -0.65 -3.55 3.91
C HIS A 171 -0.55 -4.37 5.19
N PHE A 172 -1.53 -4.22 6.10
CA PHE A 172 -1.44 -4.84 7.41
C PHE A 172 -1.39 -6.37 7.31
N LYS A 173 -2.16 -6.95 6.39
CA LYS A 173 -2.20 -8.41 6.34
C LYS A 173 -0.83 -8.99 5.97
N ALA A 174 -0.25 -8.50 4.87
CA ALA A 174 1.09 -8.92 4.48
C ALA A 174 2.11 -8.61 5.56
N ASP A 175 1.99 -7.43 6.20
CA ASP A 175 2.97 -7.04 7.20
C ASP A 175 2.88 -7.93 8.45
N LEU A 176 1.66 -8.28 8.87
CA LEU A 176 1.52 -9.20 9.99
C LEU A 176 2.07 -10.59 9.65
N ILE A 177 1.78 -11.08 8.45
CA ILE A 177 2.33 -12.38 8.06
C ILE A 177 3.86 -12.31 8.06
N SER A 178 4.42 -11.22 7.53
N SER A 178 4.42 -11.22 7.55
CA SER A 178 5.87 -11.04 7.51
CA SER A 178 5.87 -11.07 7.52
C SER A 178 6.44 -11.09 8.92
C SER A 178 6.46 -11.06 8.92
N TYR A 179 5.78 -10.42 9.86
CA TYR A 179 6.22 -10.43 11.25
C TYR A 179 6.23 -11.85 11.80
N LEU A 180 5.14 -12.59 11.58
CA LEU A 180 5.08 -13.97 12.07
C LEU A 180 6.09 -14.87 11.36
N MET A 181 6.37 -14.63 10.08
N MET A 181 6.35 -14.63 10.07
CA MET A 181 7.31 -15.48 9.36
CA MET A 181 7.31 -15.45 9.34
C MET A 181 8.71 -15.38 9.93
C MET A 181 8.68 -15.39 9.96
N ALA A 182 9.05 -14.23 10.53
CA ALA A 182 10.38 -14.05 11.08
C ALA A 182 10.68 -15.00 12.22
N TYR A 183 9.66 -15.57 12.87
CA TYR A 183 9.90 -16.51 13.95
C TYR A 183 10.41 -17.84 13.44
N ASN A 184 10.09 -18.20 12.19
CA ASN A 184 10.42 -19.51 11.66
C ASN A 184 9.87 -20.63 12.54
N ALA A 185 8.62 -20.50 12.96
CA ALA A 185 8.06 -21.38 13.98
C ALA A 185 6.88 -22.15 13.41
N PRO A 186 6.83 -23.46 13.59
CA PRO A 186 5.72 -24.24 12.99
C PRO A 186 4.36 -23.88 13.55
N SER A 187 4.27 -23.64 14.86
CA SER A 187 2.98 -23.25 15.42
C SER A 187 2.52 -21.92 14.86
N LEU A 188 3.45 -21.05 14.47
CA LEU A 188 3.05 -19.77 13.90
C LEU A 188 2.79 -19.85 12.40
N LYS A 189 3.34 -20.85 11.72
CA LYS A 189 2.91 -21.06 10.34
C LYS A 189 1.43 -21.42 10.29
N GLU A 190 0.95 -22.14 11.29
CA GLU A 190 -0.49 -22.44 11.36
C GLU A 190 -1.31 -21.16 11.45
N TRP A 191 -0.84 -20.20 12.25
CA TRP A 191 -1.56 -18.94 12.34
C TRP A 191 -1.39 -18.12 11.09
N ILE A 192 -0.24 -18.24 10.41
CA ILE A 192 -0.11 -17.55 9.13
C ILE A 192 -1.17 -18.07 8.16
N ASP A 193 -1.39 -19.39 8.14
CA ASP A 193 -2.40 -19.94 7.24
C ASP A 193 -3.81 -19.47 7.62
N VAL A 194 -4.08 -19.32 8.92
CA VAL A 194 -5.35 -18.75 9.36
C VAL A 194 -5.52 -17.33 8.83
N ILE A 195 -4.48 -16.51 8.98
CA ILE A 195 -4.58 -15.12 8.54
C ILE A 195 -4.78 -15.06 7.02
N HIS A 196 -4.08 -15.91 6.27
CA HIS A 196 -4.26 -15.97 4.82
C HIS A 196 -5.73 -16.15 4.44
N LYS A 197 -6.47 -16.94 5.22
CA LYS A 197 -7.85 -17.27 4.89
C LYS A 197 -8.84 -16.19 5.34
N HIS A 198 -8.38 -15.08 5.92
CA HIS A 198 -9.29 -14.05 6.38
C HIS A 198 -9.06 -12.74 5.63
N ASP A 199 -10.09 -11.92 5.63
CA ASP A 199 -10.11 -10.64 4.93
C ASP A 199 -9.79 -9.55 5.95
N LEU A 200 -8.60 -8.97 5.85
CA LEU A 200 -8.16 -7.92 6.76
C LEU A 200 -8.25 -6.53 6.13
N SER A 201 -9.05 -6.37 5.06
CA SER A 201 -8.97 -5.14 4.26
C SER A 201 -9.43 -3.90 5.01
N GLU A 202 -10.26 -4.04 6.06
CA GLU A 202 -10.75 -2.89 6.81
C GLU A 202 -9.70 -2.29 7.74
N THR A 203 -8.52 -2.90 7.88
CA THR A 203 -7.54 -2.41 8.84
C THR A 203 -7.01 -1.04 8.43
N ASN A 204 -7.09 -0.08 9.34
N ASN A 204 -7.07 -0.07 9.32
CA ASN A 204 -6.67 1.29 9.06
CA ASN A 204 -6.61 1.27 8.98
C ASN A 204 -5.40 1.70 9.81
C ASN A 204 -5.37 1.69 9.76
N VAL A 205 -4.70 0.76 10.44
CA VAL A 205 -3.43 1.05 11.10
C VAL A 205 -2.30 0.35 10.35
N TYR A 206 -1.09 0.87 10.54
CA TYR A 206 0.14 0.26 10.02
C TYR A 206 0.84 -0.52 11.13
N LEU A 207 1.35 -1.71 10.78
CA LEU A 207 2.08 -2.52 11.73
C LEU A 207 3.53 -2.05 11.81
N ILE A 208 4.04 -1.88 13.02
CA ILE A 208 5.45 -1.58 13.22
C ILE A 208 5.99 -2.64 14.17
N GLY A 209 6.83 -3.51 13.63
CA GLY A 209 7.41 -4.57 14.43
C GLY A 209 8.92 -4.49 14.51
N SER A 210 9.46 -5.13 15.53
CA SER A 210 10.88 -5.41 15.61
C SER A 210 11.03 -6.90 15.70
N THR A 211 12.05 -7.44 15.04
N THR A 211 12.00 -7.45 14.99
CA THR A 211 12.41 -8.84 15.17
CA THR A 211 12.41 -8.84 15.15
C THR A 211 13.92 -8.90 15.21
C THR A 211 13.92 -8.85 15.26
N PRO A 212 14.50 -9.83 15.96
CA PRO A 212 15.96 -9.84 16.13
C PRO A 212 16.65 -10.11 14.80
N GLY A 213 17.73 -9.40 14.56
CA GLY A 213 18.54 -9.68 13.39
C GLY A 213 19.41 -8.50 13.03
N ARG A 214 20.16 -8.69 11.95
N ARG A 214 20.15 -8.69 11.94
CA ARG A 214 21.01 -7.66 11.36
CA ARG A 214 21.01 -7.65 11.37
C ARG A 214 20.51 -7.43 9.94
C ARG A 214 20.55 -7.41 9.94
N PHE A 215 19.87 -6.29 9.71
CA PHE A 215 19.17 -6.04 8.45
C PHE A 215 19.91 -5.01 7.60
N GLN A 216 20.16 -5.36 6.35
CA GLN A 216 20.78 -4.44 5.41
C GLN A 216 19.96 -4.34 4.13
N GLY A 217 20.25 -3.33 3.33
CA GLY A 217 19.70 -3.24 1.99
C GLY A 217 18.18 -3.22 1.98
N SER A 218 17.58 -4.15 1.22
CA SER A 218 16.13 -4.19 1.05
C SER A 218 15.38 -4.52 2.32
N GLN A 219 16.06 -5.02 3.36
CA GLN A 219 15.42 -5.42 4.60
C GLN A 219 15.55 -4.36 5.69
N LYS A 220 16.38 -3.35 5.46
CA LYS A 220 16.63 -2.32 6.46
C LYS A 220 15.34 -1.65 6.90
N ASP A 221 14.41 -1.44 5.97
CA ASP A 221 13.18 -0.69 6.25
C ASP A 221 12.08 -1.55 6.85
N ASN A 222 12.33 -2.84 7.09
CA ASN A 222 11.25 -3.72 7.52
C ASN A 222 10.92 -3.57 9.00
N TRP A 223 11.87 -3.13 9.84
CA TRP A 223 11.69 -3.26 11.28
C TRP A 223 12.17 -2.02 12.03
N GLY A 224 11.74 -1.90 13.28
CA GLY A 224 12.31 -0.93 14.21
C GLY A 224 12.10 0.50 13.76
N HIS A 225 13.04 1.37 14.14
CA HIS A 225 12.83 2.77 13.83
C HIS A 225 12.97 3.08 12.34
N PHE A 226 13.65 2.22 11.57
CA PHE A 226 13.66 2.40 10.12
C PHE A 226 12.30 2.08 9.50
N ARG A 227 11.58 1.10 10.07
CA ARG A 227 10.23 0.85 9.61
C ARG A 227 9.36 2.09 9.83
N LEU A 228 9.45 2.67 11.02
CA LEU A 228 8.73 3.91 11.31
C LEU A 228 9.11 5.01 10.31
N LYS A 229 10.42 5.19 10.10
CA LYS A 229 10.88 6.22 9.17
C LYS A 229 10.28 6.03 7.79
N LYS A 230 10.30 4.80 7.28
CA LYS A 230 9.80 4.51 5.94
C LYS A 230 8.31 4.83 5.84
N LEU A 231 7.53 4.45 6.86
CA LEU A 231 6.09 4.74 6.85
C LEU A 231 5.83 6.24 6.87
N LEU A 232 6.61 6.98 7.65
CA LEU A 232 6.39 8.42 7.78
C LEU A 232 6.81 9.14 6.50
N LYS A 233 7.88 8.65 5.86
CA LYS A 233 8.27 9.16 4.55
C LYS A 233 7.18 8.92 3.53
N ASP A 234 6.62 7.72 3.52
CA ASP A 234 5.70 7.31 2.45
C ASP A 234 4.27 7.78 2.67
N HIS A 235 3.86 8.00 3.91
CA HIS A 235 2.43 8.10 4.17
C HIS A 235 2.07 9.26 5.08
N ALA A 236 3.02 10.13 5.41
CA ALA A 236 2.75 11.37 6.11
C ALA A 236 3.25 12.53 5.26
N SER A 237 2.70 13.71 5.52
CA SER A 237 3.05 14.92 4.79
C SER A 237 3.79 15.88 5.69
N SER A 238 4.84 16.50 5.17
CA SER A 238 5.49 17.57 5.91
C SER A 238 4.63 18.83 5.83
N MET A 239 4.67 19.62 6.89
CA MET A 239 3.93 20.87 6.95
C MET A 239 4.90 22.03 7.17
N PRO A 240 4.51 23.25 6.82
CA PRO A 240 5.35 24.40 7.16
C PRO A 240 5.57 24.47 8.66
N ASN A 241 6.76 24.91 9.05
CA ASN A 241 7.16 24.95 10.45
C ASN A 241 7.07 23.57 11.09
N ALA A 242 7.36 22.51 10.31
CA ALA A 242 7.44 21.16 10.87
C ALA A 242 8.48 21.08 11.98
N GLU A 243 9.51 21.93 11.91
CA GLU A 243 10.55 21.95 12.93
C GLU A 243 10.01 22.31 14.31
N SER A 244 8.83 22.94 14.36
CA SER A 244 8.22 23.31 15.63
C SER A 244 7.33 22.22 16.20
N TRP A 245 6.99 21.19 15.43
CA TRP A 245 6.14 20.12 15.94
C TRP A 245 7.01 19.18 16.77
N PRO A 246 6.78 19.11 18.07
CA PRO A 246 7.63 18.27 18.93
C PRO A 246 7.45 16.79 18.64
N VAL A 247 8.38 16.02 19.18
CA VAL A 247 8.27 14.57 19.26
C VAL A 247 8.05 14.20 20.73
N VAL A 248 7.11 13.29 20.99
CA VAL A 248 6.85 12.81 22.34
C VAL A 248 7.10 11.33 22.40
N GLY A 249 7.93 10.91 23.35
CA GLY A 249 8.13 9.49 23.64
C GLY A 249 7.74 9.20 25.08
N GLN A 250 7.03 8.10 25.28
CA GLN A 250 6.44 7.76 26.57
C GLN A 250 6.60 6.27 26.80
N PHE A 251 7.26 5.88 27.90
CA PHE A 251 7.76 4.51 28.02
C PHE A 251 7.88 4.13 29.49
N SER A 252 8.12 2.85 29.74
CA SER A 252 8.25 2.37 31.11
C SER A 252 9.61 1.78 31.44
N SER A 253 10.52 1.70 30.46
CA SER A 253 11.90 1.29 30.70
C SER A 253 12.79 2.11 29.80
N VAL A 254 14.05 2.26 30.21
CA VAL A 254 15.07 2.97 29.45
C VAL A 254 16.29 2.07 29.35
N GLY A 255 16.79 1.89 28.13
CA GLY A 255 18.01 1.14 27.93
C GLY A 255 19.23 2.05 28.00
N SER A 256 20.41 1.47 27.84
N SER A 256 20.40 1.46 27.84
CA SER A 256 21.64 2.26 27.80
CA SER A 256 21.65 2.22 27.75
C SER A 256 21.74 2.91 26.43
C SER A 256 21.70 2.91 26.39
N LEU A 257 21.61 4.24 26.37
CA LEU A 257 21.59 4.98 25.11
C LEU A 257 22.93 5.56 24.71
N GLY A 258 23.91 5.53 25.60
CA GLY A 258 25.22 6.03 25.28
C GLY A 258 25.59 7.23 26.13
N ALA A 259 26.84 7.67 25.94
CA ALA A 259 27.45 8.68 26.78
C ALA A 259 26.91 10.08 26.52
N ASP A 260 26.20 10.29 25.42
CA ASP A 260 25.57 11.58 25.17
C ASP A 260 24.47 11.38 24.14
N GLU A 261 23.71 12.45 23.92
CA GLU A 261 22.52 12.37 23.07
C GLU A 261 22.86 12.12 21.62
N SER A 262 24.07 12.45 21.17
CA SER A 262 24.41 12.26 19.77
C SER A 262 24.71 10.81 19.43
N LYS A 263 24.86 9.94 20.43
CA LYS A 263 25.25 8.55 20.17
C LYS A 263 24.12 7.74 19.54
N TRP A 264 22.87 8.00 19.93
CA TRP A 264 21.75 7.25 19.35
C TRP A 264 20.43 8.02 19.43
N LEU A 265 20.14 8.62 20.59
CA LEU A 265 18.83 9.21 20.83
C LEU A 265 18.51 10.30 19.82
N CYS A 266 19.37 11.31 19.72
CA CYS A 266 19.12 12.43 18.83
C CYS A 266 19.71 12.24 17.45
N SER A 267 20.57 11.24 17.26
CA SER A 267 21.12 11.01 15.93
C SER A 267 20.15 10.14 15.14
N GLU A 268 20.09 8.84 15.44
CA GLU A 268 19.29 8.02 14.56
C GLU A 268 17.83 7.85 15.03
N PHE A 269 17.59 7.73 16.33
CA PHE A 269 16.22 7.55 16.81
C PHE A 269 15.36 8.78 16.55
N LYS A 270 15.78 9.94 17.04
CA LYS A 270 14.99 11.14 16.83
C LYS A 270 14.86 11.44 15.34
N GLU A 271 15.91 11.17 14.56
CA GLU A 271 15.84 11.44 13.12
C GLU A 271 14.77 10.61 12.44
N SER A 272 14.63 9.35 12.85
CA SER A 272 13.54 8.55 12.32
C SER A 272 12.21 9.16 12.73
N MET A 273 12.08 9.55 13.99
CA MET A 273 10.79 10.02 14.48
C MET A 273 10.40 11.38 13.93
N LEU A 274 11.38 12.19 13.51
N LEU A 274 11.35 12.20 13.50
CA LEU A 274 11.12 13.50 12.91
CA LEU A 274 11.00 13.50 12.94
C LEU A 274 10.60 13.41 11.49
C LEU A 274 10.77 13.45 11.43
N THR A 275 10.79 12.27 10.82
CA THR A 275 10.51 12.15 9.40
C THR A 275 9.06 12.50 9.08
N LEU A 276 8.87 13.30 8.03
CA LEU A 276 7.54 13.51 7.46
C LEU A 276 7.71 13.74 5.97
N GLY A 277 7.07 12.92 5.15
CA GLY A 277 7.15 13.12 3.71
C GLY A 277 8.49 12.72 3.14
N LYS A 278 8.64 12.94 1.84
CA LYS A 278 9.74 12.36 1.07
C LYS A 278 10.91 13.32 0.84
N GLU A 279 10.81 14.57 1.29
CA GLU A 279 11.88 15.53 1.10
C GLU A 279 13.01 15.29 2.10
N SER A 280 14.17 15.84 1.79
CA SER A 280 15.37 15.63 2.61
C SER A 280 15.36 16.51 3.87
N SER A 286 18.79 19.53 14.13
CA SER A 286 17.36 19.77 14.27
C SER A 286 16.98 20.33 15.63
N SER A 287 16.21 21.41 15.63
CA SER A 287 15.73 22.05 16.85
C SER A 287 14.35 21.56 17.25
N VAL A 288 13.90 20.42 16.72
CA VAL A 288 12.60 19.87 17.10
C VAL A 288 12.65 19.45 18.56
N PRO A 289 11.73 19.95 19.40
CA PRO A 289 11.74 19.57 20.82
C PRO A 289 11.44 18.09 20.99
N LEU A 290 12.13 17.46 21.94
CA LEU A 290 11.89 16.06 22.27
C LEU A 290 11.44 15.98 23.73
N TYR A 291 10.20 15.54 23.94
CA TYR A 291 9.65 15.31 25.26
C TYR A 291 9.69 13.82 25.54
N LEU A 292 10.31 13.43 26.64
CA LEU A 292 10.28 12.04 27.09
C LEU A 292 9.50 11.97 28.40
N ILE A 293 8.51 11.10 28.44
CA ILE A 293 7.63 10.94 29.60
C ILE A 293 7.98 9.66 30.32
N TYR A 294 8.39 9.78 31.58
CA TYR A 294 8.79 8.61 32.36
C TYR A 294 8.54 8.93 33.84
N PRO A 295 7.93 8.01 34.61
CA PRO A 295 7.50 8.33 35.98
C PRO A 295 8.66 8.76 36.86
N SER A 296 8.46 9.86 37.58
CA SER A 296 9.37 10.28 38.63
C SER A 296 9.18 9.42 39.89
N VAL A 297 10.12 9.53 40.82
CA VAL A 297 9.97 8.82 42.10
C VAL A 297 8.65 9.21 42.77
N GLU A 298 8.32 10.50 42.76
N GLU A 298 8.31 10.49 42.74
CA GLU A 298 7.09 10.95 43.40
CA GLU A 298 7.08 10.93 43.42
C GLU A 298 5.85 10.39 42.71
C GLU A 298 5.83 10.43 42.71
N ASN A 299 5.88 10.32 41.37
CA ASN A 299 4.79 9.66 40.63
C ASN A 299 4.56 8.26 41.17
N VAL A 300 5.64 7.49 41.35
CA VAL A 300 5.51 6.11 41.81
C VAL A 300 5.06 6.06 43.27
N ARG A 301 5.64 6.90 44.13
CA ARG A 301 5.31 6.87 45.56
C ARG A 301 3.83 7.12 45.80
N THR A 302 3.26 8.11 45.12
CA THR A 302 1.87 8.48 45.32
C THR A 302 0.91 7.69 44.44
N SER A 303 1.39 6.67 43.73
CA SER A 303 0.54 5.93 42.82
C SER A 303 -0.40 5.00 43.59
N LEU A 304 -1.42 4.52 42.87
CA LEU A 304 -2.35 3.54 43.44
C LEU A 304 -1.63 2.36 44.06
N GLU A 305 -0.59 1.84 43.37
CA GLU A 305 0.16 0.70 43.84
C GLU A 305 1.21 1.06 44.88
N GLY A 306 1.66 2.30 44.90
CA GLY A 306 2.79 2.70 45.70
C GLY A 306 4.09 2.27 45.06
N TYR A 307 5.12 2.20 45.88
CA TYR A 307 6.44 1.81 45.40
C TYR A 307 6.45 0.53 44.58
N PRO A 308 5.61 -0.48 44.89
CA PRO A 308 5.63 -1.70 44.05
C PRO A 308 5.34 -1.47 42.57
N ALA A 309 4.66 -0.37 42.20
CA ALA A 309 4.53 -0.06 40.78
C ALA A 309 5.92 0.05 40.13
N GLY A 310 6.91 0.49 40.91
CA GLY A 310 8.28 0.57 40.43
C GLY A 310 8.90 -0.77 40.10
N GLY A 311 8.33 -1.87 40.61
CA GLY A 311 8.70 -3.20 40.19
C GLY A 311 8.55 -3.42 38.69
N SER A 312 7.69 -2.64 38.04
CA SER A 312 7.47 -2.74 36.59
C SER A 312 8.04 -1.54 35.84
N LEU A 313 8.97 -0.80 36.45
CA LEU A 313 9.67 0.32 35.81
C LEU A 313 11.16 0.08 35.98
N PRO A 314 11.73 -0.87 35.22
CA PRO A 314 13.02 -1.48 35.58
C PRO A 314 14.22 -0.71 35.08
N TYR A 315 14.33 0.56 35.48
CA TYR A 315 15.46 1.41 35.16
C TYR A 315 16.49 1.23 36.27
N SER A 316 17.63 0.64 35.95
CA SER A 316 18.62 0.31 36.97
C SER A 316 19.56 1.49 37.22
N ILE A 317 20.10 1.56 38.45
CA ILE A 317 21.04 2.63 38.76
C ILE A 317 22.30 2.49 37.91
N GLN A 318 22.69 1.25 37.57
CA GLN A 318 23.90 1.04 36.76
C GLN A 318 23.77 1.70 35.40
N THR A 319 22.60 1.56 34.78
CA THR A 319 22.35 2.21 33.50
C THR A 319 22.21 3.71 33.67
N ALA A 320 21.42 4.13 34.67
CA ALA A 320 21.06 5.54 34.80
C ALA A 320 22.29 6.41 35.06
N GLU A 321 23.24 5.93 35.86
CA GLU A 321 24.36 6.77 36.21
C GLU A 321 25.28 7.03 35.02
N LYS A 322 25.19 6.20 33.98
CA LYS A 322 25.98 6.38 32.77
C LYS A 322 25.40 7.40 31.82
N GLN A 323 24.23 7.96 32.10
CA GLN A 323 23.55 8.79 31.11
C GLN A 323 22.67 9.82 31.81
N ASN A 324 23.24 10.53 32.79
CA ASN A 324 22.49 11.59 33.45
C ASN A 324 22.06 12.69 32.49
N TRP A 325 22.77 12.88 31.38
CA TRP A 325 22.32 13.84 30.36
C TRP A 325 20.88 13.56 29.92
N LEU A 326 20.45 12.31 29.99
CA LEU A 326 19.13 11.93 29.50
C LEU A 326 18.02 12.51 30.35
N HIS A 327 18.25 12.65 31.64
CA HIS A 327 17.15 12.98 32.54
C HIS A 327 16.66 14.39 32.35
N SER A 328 17.47 15.27 31.74
N SER A 328 17.47 15.27 31.74
CA SER A 328 16.98 16.61 31.43
CA SER A 328 17.00 16.61 31.42
C SER A 328 15.89 16.61 30.36
C SER A 328 15.89 16.60 30.37
N TYR A 329 15.66 15.48 29.69
CA TYR A 329 14.56 15.33 28.74
C TYR A 329 13.28 14.83 29.40
N PHE A 330 13.31 14.47 30.68
CA PHE A 330 12.25 13.70 31.29
C PHE A 330 11.12 14.59 31.79
N HIS A 331 9.90 14.10 31.60
CA HIS A 331 8.68 14.79 32.01
C HIS A 331 7.86 13.83 32.85
N LYS A 332 7.08 14.38 33.76
CA LYS A 332 6.30 13.56 34.70
C LYS A 332 5.16 12.84 33.99
N TRP A 333 4.76 11.71 34.57
CA TRP A 333 3.52 11.07 34.17
C TRP A 333 2.33 11.86 34.71
N SER A 334 1.43 12.24 33.80
CA SER A 334 0.26 12.99 34.20
C SER A 334 -0.86 12.63 33.23
N ALA A 335 -2.02 12.25 33.78
CA ALA A 335 -3.05 11.66 32.94
C ALA A 335 -4.44 12.03 33.48
N GLU A 336 -4.61 13.31 33.87
CA GLU A 336 -5.93 13.77 34.30
C GLU A 336 -6.99 13.53 33.23
N THR A 337 -6.61 13.65 31.96
CA THR A 337 -7.57 13.46 30.86
C THR A 337 -8.25 12.09 30.90
N SER A 338 -7.57 11.07 31.41
CA SER A 338 -8.14 9.74 31.55
C SER A 338 -8.24 9.28 33.00
N GLY A 339 -8.09 10.21 33.94
CA GLY A 339 -8.18 9.87 35.36
C GLY A 339 -7.12 8.91 35.84
N ARG A 340 -5.96 8.88 35.18
CA ARG A 340 -4.96 7.85 35.41
C ARG A 340 -3.61 8.41 35.85
N SER A 341 -3.57 9.62 36.42
CA SER A 341 -2.31 10.14 36.92
C SER A 341 -1.69 9.24 37.98
N ASN A 342 -2.52 8.50 38.73
CA ASN A 342 -2.00 7.60 39.76
C ASN A 342 -1.93 6.14 39.32
N ALA A 343 -2.16 5.86 38.03
CA ALA A 343 -2.08 4.52 37.47
C ALA A 343 -0.79 4.47 36.64
N MET A 344 0.25 3.88 37.19
CA MET A 344 1.57 4.04 36.57
C MET A 344 1.56 3.44 35.17
N PRO A 345 2.26 4.07 34.21
CA PRO A 345 2.24 3.61 32.83
C PRO A 345 3.07 2.35 32.62
N HIS A 346 2.46 1.38 31.97
CA HIS A 346 3.19 0.31 31.32
C HIS A 346 2.92 0.31 29.81
N ILE A 347 1.99 1.14 29.34
CA ILE A 347 1.85 1.47 27.93
C ILE A 347 3.12 2.19 27.46
N LYS A 348 3.42 2.08 26.18
CA LYS A 348 4.46 2.88 25.54
C LYS A 348 3.82 3.54 24.33
N THR A 349 4.07 4.83 24.16
CA THR A 349 3.48 5.58 23.06
C THR A 349 4.50 6.58 22.56
N TYR A 350 4.35 6.93 21.29
CA TYR A 350 5.17 7.91 20.62
C TYR A 350 4.25 8.67 19.69
N MET A 351 4.46 9.98 19.57
CA MET A 351 3.56 10.75 18.72
C MET A 351 4.21 12.07 18.35
N ARG A 352 3.57 12.78 17.43
CA ARG A 352 4.10 14.01 16.85
C ARG A 352 3.06 15.12 16.97
N PRO A 353 2.97 15.77 18.11
CA PRO A 353 1.97 16.85 18.26
C PRO A 353 2.41 18.15 17.59
N SER A 354 1.41 18.97 17.32
CA SER A 354 1.63 20.32 16.82
C SER A 354 2.22 21.19 17.92
N PRO A 355 2.73 22.38 17.59
CA PRO A 355 3.40 23.21 18.61
C PRO A 355 2.52 23.56 19.80
N ASP A 356 1.22 23.68 19.60
CA ASP A 356 0.32 23.94 20.71
C ASP A 356 -0.37 22.66 21.20
N PHE A 357 0.11 21.49 20.77
CA PHE A 357 -0.39 20.20 21.24
C PHE A 357 -1.88 20.01 21.00
N SER A 358 -2.46 20.75 20.06
CA SER A 358 -3.88 20.60 19.74
C SER A 358 -4.16 19.55 18.69
N LYS A 359 -3.15 19.20 17.89
CA LYS A 359 -3.24 18.21 16.83
C LYS A 359 -2.05 17.27 16.94
N ILE A 360 -2.13 16.11 16.29
CA ILE A 360 -0.99 15.22 16.17
C ILE A 360 -0.89 14.73 14.74
N ALA A 361 0.34 14.59 14.27
CA ALA A 361 0.58 14.12 12.91
C ALA A 361 0.54 12.60 12.82
N TRP A 362 0.71 11.91 13.95
CA TRP A 362 0.62 10.45 14.01
C TRP A 362 0.72 10.04 15.47
N PHE A 363 0.30 8.80 15.74
CA PHE A 363 0.35 8.22 17.08
C PHE A 363 0.70 6.74 16.96
N LEU A 364 1.60 6.29 17.83
CA LEU A 364 2.03 4.88 17.86
C LEU A 364 1.86 4.36 19.28
N VAL A 365 1.22 3.19 19.41
CA VAL A 365 1.21 2.47 20.66
C VAL A 365 1.97 1.18 20.41
N THR A 366 2.83 0.79 21.34
CA THR A 366 3.76 -0.30 21.07
C THR A 366 4.25 -0.90 22.38
N SER A 367 4.88 -2.07 22.27
CA SER A 367 5.62 -2.64 23.39
C SER A 367 7.01 -2.06 23.50
N ALA A 368 7.48 -1.33 22.50
CA ALA A 368 8.87 -0.90 22.43
C ALA A 368 9.14 0.21 23.45
N ASN A 369 10.05 -0.06 24.38
CA ASN A 369 10.54 0.97 25.29
C ASN A 369 11.62 1.81 24.61
N LEU A 370 12.17 2.76 25.35
CA LEU A 370 13.21 3.64 24.80
C LEU A 370 14.56 2.93 24.91
N SER A 371 14.80 2.00 23.99
CA SER A 371 16.02 1.20 24.04
C SER A 371 16.47 0.84 22.62
N LYS A 372 17.80 0.72 22.47
CA LYS A 372 18.37 0.27 21.21
C LYS A 372 17.97 -1.18 20.91
N ALA A 373 17.85 -2.01 21.96
CA ALA A 373 17.43 -3.39 21.77
C ALA A 373 16.09 -3.46 21.05
N ALA A 374 15.17 -2.58 21.40
CA ALA A 374 13.80 -2.60 20.89
C ALA A 374 13.71 -1.93 19.53
N TRP A 375 14.37 -0.80 19.36
CA TRP A 375 14.17 0.00 18.17
C TRP A 375 15.23 -0.25 17.10
N GLY A 376 16.35 -0.86 17.45
CA GLY A 376 17.43 -1.03 16.51
C GLY A 376 18.50 0.02 16.63
N ALA A 377 19.75 -0.39 16.37
CA ALA A 377 20.91 0.49 16.38
C ALA A 377 21.72 0.21 15.12
N LEU A 378 22.09 1.27 14.42
CA LEU A 378 22.85 1.12 13.19
C LEU A 378 24.25 0.58 13.49
N GLU A 379 24.72 -0.32 12.63
CA GLU A 379 26.04 -0.92 12.74
C GLU A 379 26.69 -0.92 11.37
N LYS A 380 27.98 -1.26 11.33
CA LYS A 380 28.70 -1.47 10.08
C LYS A 380 28.64 -0.23 9.20
N ASN A 381 29.10 0.89 9.76
CA ASN A 381 29.24 2.13 9.01
C ASN A 381 27.88 2.62 8.51
N GLY A 382 26.85 2.44 9.33
CA GLY A 382 25.51 2.90 9.01
C GLY A 382 24.76 2.05 8.00
N THR A 383 25.27 0.87 7.64
CA THR A 383 24.65 0.05 6.61
C THR A 383 23.79 -1.08 7.16
N GLN A 384 23.81 -1.31 8.47
CA GLN A 384 23.13 -2.46 9.03
C GLN A 384 22.39 -2.05 10.28
N LEU A 385 21.11 -2.44 10.38
CA LEU A 385 20.28 -2.17 11.54
C LEU A 385 20.19 -3.42 12.38
N MET A 386 20.73 -3.37 13.59
CA MET A 386 20.76 -4.53 14.47
C MET A 386 19.68 -4.38 15.53
N ILE A 387 18.79 -5.35 15.59
CA ILE A 387 17.71 -5.38 16.58
C ILE A 387 17.89 -6.64 17.42
N ARG A 388 17.73 -6.51 18.73
CA ARG A 388 17.89 -7.64 19.62
C ARG A 388 16.60 -8.35 19.96
N SER A 389 15.45 -7.68 19.91
N SER A 389 15.46 -7.67 19.90
CA SER A 389 14.25 -8.17 20.56
CA SER A 389 14.23 -8.16 20.53
C SER A 389 13.02 -8.07 19.65
C SER A 389 13.08 -8.23 19.53
N TYR A 390 12.00 -8.88 19.98
CA TYR A 390 10.71 -8.82 19.31
C TYR A 390 9.87 -7.74 19.97
N GLU A 391 9.28 -6.87 19.14
CA GLU A 391 8.39 -5.80 19.58
C GLU A 391 7.28 -5.66 18.56
N LEU A 392 6.18 -5.02 18.97
CA LEU A 392 5.07 -4.85 18.05
C LEU A 392 4.21 -3.68 18.51
N GLY A 393 3.79 -2.87 17.56
CA GLY A 393 2.87 -1.78 17.84
C GLY A 393 2.09 -1.45 16.60
N VAL A 394 1.17 -0.49 16.72
CA VAL A 394 0.40 -0.06 15.56
C VAL A 394 0.48 1.45 15.45
N LEU A 395 0.57 1.93 14.21
CA LEU A 395 0.75 3.33 13.90
C LEU A 395 -0.54 3.90 13.29
N PHE A 396 -1.02 4.99 13.89
CA PHE A 396 -2.18 5.71 13.41
C PHE A 396 -1.70 6.91 12.62
N LEU A 397 -2.00 6.91 11.31
CA LEU A 397 -1.63 7.98 10.41
C LEU A 397 -2.90 8.64 9.88
N PRO A 398 -2.96 9.98 9.92
CA PRO A 398 -4.16 10.66 9.40
C PRO A 398 -4.52 10.28 7.97
N SER A 399 -3.53 10.14 7.07
CA SER A 399 -3.81 9.73 5.71
C SER A 399 -4.62 8.45 5.64
N ALA A 400 -4.43 7.54 6.60
CA ALA A 400 -5.19 6.29 6.58
C ALA A 400 -6.64 6.49 6.98
N PHE A 401 -7.00 7.68 7.45
CA PHE A 401 -8.37 7.99 7.81
C PHE A 401 -8.92 9.11 6.93
N GLY A 402 -8.20 9.47 5.87
CA GLY A 402 -8.63 10.55 5.00
C GLY A 402 -8.52 11.90 5.65
N LEU A 403 -7.52 12.10 6.49
CA LEU A 403 -7.34 13.35 7.24
C LEU A 403 -5.93 13.85 7.04
N ASP A 404 -5.73 15.15 7.36
CA ASP A 404 -4.39 15.74 7.36
C ASP A 404 -3.71 15.64 8.71
N SER A 405 -4.49 15.65 9.78
CA SER A 405 -3.97 15.50 11.12
C SER A 405 -5.11 15.00 11.99
N PHE A 406 -4.77 14.55 13.20
CA PHE A 406 -5.76 14.22 14.20
C PHE A 406 -5.91 15.38 15.18
N LYS A 407 -7.14 15.77 15.47
CA LYS A 407 -7.36 16.61 16.65
C LYS A 407 -7.14 15.78 17.90
N VAL A 408 -6.59 16.40 18.92
CA VAL A 408 -6.37 15.70 20.19
C VAL A 408 -7.65 15.78 21.00
N LYS A 409 -8.13 14.63 21.45
CA LYS A 409 -9.32 14.58 22.29
C LYS A 409 -9.04 15.23 23.63
N GLN A 410 -9.93 16.14 24.06
CA GLN A 410 -9.64 16.94 25.25
C GLN A 410 -9.83 16.14 26.54
N LYS A 411 -10.90 15.35 26.61
CA LYS A 411 -11.10 14.38 27.68
C LYS A 411 -11.15 12.99 27.04
N PHE A 412 -10.28 12.08 27.51
CA PHE A 412 -10.08 10.79 26.86
C PHE A 412 -11.39 10.03 26.68
N PHE A 413 -12.27 10.10 27.68
CA PHE A 413 -13.53 9.37 27.66
C PHE A 413 -14.74 10.28 27.39
N ALA A 414 -14.55 11.42 26.73
CA ALA A 414 -15.63 12.35 26.46
C ALA A 414 -16.27 12.06 25.10
N GLY A 415 -17.15 12.96 24.66
CA GLY A 415 -17.82 12.81 23.38
C GLY A 415 -17.25 13.71 22.30
N PRO A 419 -16.65 15.55 17.37
CA PRO A 419 -16.55 14.60 16.26
C PRO A 419 -15.67 13.41 16.59
N MET A 420 -16.04 12.21 16.15
CA MET A 420 -15.29 11.01 16.48
C MET A 420 -13.93 10.94 15.76
N ALA A 421 -13.56 11.95 14.96
CA ALA A 421 -12.26 12.00 14.30
C ALA A 421 -11.19 12.71 15.14
N THR A 422 -11.31 12.67 16.45
CA THR A 422 -10.29 13.22 17.34
C THR A 422 -9.62 12.07 18.09
N PHE A 423 -8.30 12.12 18.20
CA PHE A 423 -7.62 10.92 18.67
C PHE A 423 -7.54 10.90 20.18
N PRO A 424 -7.85 9.77 20.84
CA PRO A 424 -7.82 9.71 22.31
C PRO A 424 -6.41 9.52 22.86
N VAL A 425 -5.71 10.64 23.00
CA VAL A 425 -4.41 10.59 23.67
C VAL A 425 -4.64 10.34 25.15
N PRO A 426 -4.00 9.34 25.75
CA PRO A 426 -4.37 8.90 27.11
C PRO A 426 -3.74 9.67 28.26
N TYR A 427 -2.82 10.59 28.02
CA TYR A 427 -2.20 11.38 29.08
C TYR A 427 -2.18 12.85 28.68
N ASP A 428 -1.79 13.69 29.64
CA ASP A 428 -1.97 15.14 29.50
C ASP A 428 -0.90 15.77 28.61
N LEU A 429 -1.32 16.76 27.83
CA LEU A 429 -0.44 17.60 27.02
C LEU A 429 -0.63 19.06 27.44
N PRO A 430 0.44 19.87 27.44
CA PRO A 430 1.81 19.48 27.17
C PRO A 430 2.36 18.70 28.35
N PRO A 431 3.34 17.83 28.13
CA PRO A 431 3.96 17.13 29.26
C PRO A 431 4.69 18.11 30.16
N GLU A 432 4.77 17.77 31.44
CA GLU A 432 5.31 18.66 32.47
C GLU A 432 6.74 18.25 32.81
N LEU A 433 7.67 19.18 32.70
CA LEU A 433 9.06 18.85 32.99
C LEU A 433 9.20 18.44 34.45
N TYR A 434 10.14 17.53 34.72
CA TYR A 434 10.55 17.24 36.08
C TYR A 434 10.91 18.56 36.77
N GLY A 435 10.52 18.69 38.04
CA GLY A 435 11.02 19.77 38.86
C GLY A 435 12.43 19.48 39.35
N SER A 436 13.06 20.50 39.94
CA SER A 436 14.47 20.36 40.30
C SER A 436 14.69 19.27 41.33
N LYS A 437 13.68 18.98 42.15
CA LYS A 437 13.77 17.96 43.18
C LYS A 437 13.32 16.58 42.69
N ASP A 438 12.77 16.50 41.49
CA ASP A 438 12.31 15.22 40.96
C ASP A 438 13.48 14.37 40.48
N ARG A 439 13.31 13.06 40.54
CA ARG A 439 14.29 12.12 40.03
C ARG A 439 13.55 11.04 39.25
N PRO A 440 14.17 10.47 38.22
CA PRO A 440 13.51 9.36 37.50
C PRO A 440 13.42 8.16 38.42
N TRP A 441 12.30 7.45 38.36
CA TRP A 441 12.21 6.20 39.10
C TRP A 441 13.34 5.26 38.70
N ILE A 442 14.13 4.84 39.69
CA ILE A 442 15.22 3.88 39.49
C ILE A 442 14.93 2.72 40.43
N TRP A 443 14.76 1.52 39.86
CA TRP A 443 14.07 0.49 40.64
C TRP A 443 14.96 -0.26 41.62
N ASN A 444 16.28 -0.17 41.54
CA ASN A 444 17.13 -0.96 42.41
C ASN A 444 17.97 -0.11 43.37
N ILE A 445 17.42 1.01 43.82
CA ILE A 445 17.96 1.77 44.95
C ILE A 445 16.83 1.99 45.94
N PRO A 446 17.15 2.24 47.21
CA PRO A 446 16.07 2.38 48.20
C PRO A 446 15.48 3.79 48.26
N TYR A 447 14.20 3.84 48.62
CA TYR A 447 13.51 5.10 48.87
C TYR A 447 12.90 5.03 50.25
N VAL A 448 13.50 5.74 51.20
CA VAL A 448 13.12 5.58 52.60
C VAL A 448 12.86 6.94 53.23
N LYS A 449 12.78 7.98 52.40
CA LYS A 449 12.54 9.32 52.93
C LYS A 449 11.06 9.56 53.21
N ALA A 450 10.16 8.99 52.41
CA ALA A 450 8.73 9.21 52.52
C ALA A 450 8.00 7.93 52.15
N PRO A 451 6.94 7.57 52.88
CA PRO A 451 6.24 6.31 52.60
C PRO A 451 5.24 6.47 51.46
N ASP A 452 4.81 5.33 50.91
CA ASP A 452 3.92 5.32 49.76
C ASP A 452 2.46 5.21 50.23
N THR A 453 1.55 5.07 49.28
CA THR A 453 0.12 5.08 49.56
C THR A 453 -0.33 3.90 50.40
N HIS A 454 0.51 2.88 50.58
CA HIS A 454 0.20 1.76 51.46
C HIS A 454 0.99 1.79 52.77
N GLY A 455 1.75 2.86 53.00
CA GLY A 455 2.52 3.02 54.23
C GLY A 455 3.90 2.41 54.24
N ASN A 456 4.44 2.02 53.07
CA ASN A 456 5.70 1.31 53.00
C ASN A 456 6.79 2.16 52.34
N MET A 457 8.04 1.80 52.64
CA MET A 457 9.19 2.30 51.91
C MET A 457 9.58 1.30 50.83
N TRP A 458 10.65 1.61 50.10
CA TRP A 458 11.15 0.76 49.03
C TRP A 458 12.59 0.37 49.37
N VAL A 459 12.78 -0.90 49.72
CA VAL A 459 14.11 -1.39 50.11
C VAL A 459 14.46 -2.60 49.26
N PRO A 460 15.14 -2.43 48.11
CA PRO A 460 15.48 -3.54 47.22
C PRO A 460 16.64 -4.38 47.75
N ASN B 15 -15.42 -13.43 -13.77
CA ASN B 15 -14.07 -12.87 -13.72
C ASN B 15 -13.95 -11.78 -12.67
N PRO B 16 -12.82 -11.74 -11.98
CA PRO B 16 -12.48 -10.58 -11.15
C PRO B 16 -11.77 -9.49 -11.94
N PHE B 17 -11.35 -9.78 -13.17
CA PHE B 17 -10.38 -8.89 -13.79
C PHE B 17 -11.03 -7.69 -14.46
N GLN B 18 -12.27 -7.83 -14.93
CA GLN B 18 -12.99 -6.76 -15.61
C GLN B 18 -12.18 -6.18 -16.77
N PHE B 19 -11.54 -7.07 -17.52
CA PHE B 19 -10.76 -6.70 -18.70
C PHE B 19 -11.56 -7.13 -19.92
N TYR B 20 -11.84 -6.17 -20.81
CA TYR B 20 -12.72 -6.44 -21.94
C TYR B 20 -12.07 -6.00 -23.25
N LEU B 21 -12.52 -6.61 -24.34
CA LEU B 21 -12.23 -6.11 -25.67
C LEU B 21 -13.42 -5.32 -26.19
N THR B 22 -13.14 -4.39 -27.10
CA THR B 22 -14.22 -3.72 -27.80
C THR B 22 -14.87 -4.66 -28.81
N ARG B 23 -16.11 -4.35 -29.15
CA ARG B 23 -16.83 -5.12 -30.16
C ARG B 23 -16.18 -4.94 -31.53
N VAL B 24 -16.15 -6.02 -32.30
CA VAL B 24 -15.57 -6.02 -33.64
C VAL B 24 -16.69 -6.34 -34.64
N SER B 25 -16.95 -5.43 -35.57
CA SER B 25 -17.95 -5.67 -36.60
C SER B 25 -17.41 -6.66 -37.62
N GLY B 26 -18.20 -7.66 -37.98
CA GLY B 26 -17.82 -8.56 -39.04
C GLY B 26 -17.13 -9.84 -38.60
N VAL B 27 -17.15 -10.15 -37.31
CA VAL B 27 -16.82 -11.49 -36.84
C VAL B 27 -18.09 -12.11 -36.29
N LYS B 28 -18.03 -13.43 -36.10
CA LYS B 28 -19.18 -14.16 -35.57
C LYS B 28 -19.57 -13.62 -34.20
N PRO B 29 -20.87 -13.64 -33.87
CA PRO B 29 -21.32 -13.10 -32.59
C PRO B 29 -20.66 -13.71 -31.36
N LYS B 30 -20.25 -14.98 -31.44
CA LYS B 30 -19.59 -15.63 -30.30
C LYS B 30 -18.34 -14.89 -29.89
N TYR B 31 -17.69 -14.20 -30.82
CA TYR B 31 -16.50 -13.42 -30.52
C TYR B 31 -16.82 -12.03 -29.97
N ASN B 32 -18.10 -11.65 -29.89
CA ASN B 32 -18.50 -10.40 -29.28
C ASN B 32 -19.31 -10.57 -28.01
N SER B 33 -19.58 -11.80 -27.58
CA SER B 33 -20.50 -12.00 -26.45
C SER B 33 -19.95 -11.37 -25.16
N GLY B 34 -18.65 -11.50 -24.91
CA GLY B 34 -18.08 -10.80 -23.78
C GLY B 34 -17.47 -9.44 -24.07
N ALA B 35 -17.72 -8.84 -25.24
CA ALA B 35 -17.08 -7.59 -25.63
C ALA B 35 -17.96 -6.40 -25.26
N LEU B 36 -17.37 -5.20 -25.35
CA LEU B 36 -18.07 -3.97 -24.99
C LEU B 36 -17.94 -2.95 -26.10
N HIS B 37 -19.07 -2.39 -26.52
CA HIS B 37 -19.07 -1.19 -27.33
C HIS B 37 -19.19 0.04 -26.43
N ILE B 38 -18.76 1.19 -26.95
CA ILE B 38 -18.81 2.42 -26.15
C ILE B 38 -20.24 2.70 -25.68
N LYS B 39 -21.24 2.35 -26.49
CA LYS B 39 -22.62 2.53 -26.06
C LYS B 39 -22.95 1.63 -24.87
N ASP B 40 -22.35 0.45 -24.79
CA ASP B 40 -22.55 -0.40 -23.62
C ASP B 40 -21.99 0.26 -22.37
N ILE B 41 -20.82 0.88 -22.49
CA ILE B 41 -20.18 1.49 -21.33
C ILE B 41 -21.02 2.64 -20.80
N LEU B 42 -21.61 3.45 -21.70
CA LEU B 42 -22.35 4.62 -21.29
C LEU B 42 -23.83 4.35 -21.02
N SER B 43 -24.27 3.11 -21.19
CA SER B 43 -25.69 2.76 -21.03
C SER B 43 -26.17 3.05 -19.61
N PRO B 44 -27.47 3.33 -19.43
N PRO B 44 -27.46 3.34 -19.44
CA PRO B 44 -28.00 3.54 -18.07
CA PRO B 44 -27.99 3.54 -18.08
C PRO B 44 -27.91 2.30 -17.20
C PRO B 44 -27.89 2.31 -17.19
N LEU B 45 -27.65 1.13 -17.77
CA LEU B 45 -27.45 -0.07 -16.97
C LEU B 45 -26.19 0.03 -16.12
N PHE B 46 -25.24 0.89 -16.50
CA PHE B 46 -24.01 1.08 -15.78
C PHE B 46 -24.10 2.15 -14.70
N GLY B 47 -25.16 2.94 -14.70
CA GLY B 47 -25.35 4.00 -13.72
C GLY B 47 -26.13 5.14 -14.34
N THR B 48 -26.67 5.99 -13.47
CA THR B 48 -27.44 7.17 -13.89
C THR B 48 -26.48 8.34 -14.01
N LEU B 49 -26.10 8.69 -15.24
CA LEU B 49 -25.01 9.62 -15.46
C LEU B 49 -25.37 11.03 -15.00
N VAL B 50 -24.45 11.65 -14.27
CA VAL B 50 -24.56 13.04 -13.87
C VAL B 50 -23.57 13.92 -14.62
N SER B 51 -22.32 13.46 -14.74
N SER B 51 -22.33 13.45 -14.75
CA SER B 51 -21.32 14.17 -15.53
CA SER B 51 -21.28 14.17 -15.46
C SER B 51 -20.25 13.15 -15.91
C SER B 51 -20.23 13.15 -15.91
N SER B 52 -19.38 13.57 -16.83
CA SER B 52 -18.36 12.65 -17.31
C SER B 52 -17.17 13.44 -17.83
N ALA B 53 -16.00 12.82 -17.77
CA ALA B 53 -14.79 13.33 -18.38
C ALA B 53 -14.27 12.30 -19.36
N GLN B 54 -13.87 12.76 -20.55
CA GLN B 54 -13.32 11.91 -21.58
C GLN B 54 -11.90 12.38 -21.85
N PHE B 55 -10.92 11.62 -21.33
CA PHE B 55 -9.53 11.84 -21.68
C PHE B 55 -9.25 11.08 -22.96
N ASN B 56 -8.63 11.74 -23.93
CA ASN B 56 -8.32 11.03 -25.17
C ASN B 56 -7.37 11.85 -26.00
N TYR B 57 -7.05 11.31 -27.17
CA TYR B 57 -6.17 11.97 -28.11
C TYR B 57 -6.97 12.53 -29.27
N CYS B 58 -7.66 11.65 -30.01
N CYS B 58 -7.71 11.66 -29.98
CA CYS B 58 -8.52 12.05 -31.12
CA CYS B 58 -8.51 12.08 -31.13
C CYS B 58 -9.98 12.03 -30.66
C CYS B 58 -9.99 11.96 -30.79
N PHE B 59 -10.75 13.00 -31.15
CA PHE B 59 -12.16 13.11 -30.81
C PHE B 59 -12.98 13.37 -32.07
N ASP B 60 -14.13 12.70 -32.18
CA ASP B 60 -15.21 13.06 -33.11
C ASP B 60 -16.39 13.38 -32.22
N VAL B 61 -16.63 14.68 -31.97
CA VAL B 61 -17.58 15.07 -30.93
C VAL B 61 -19.01 14.71 -31.34
N ASP B 62 -19.36 14.95 -32.61
CA ASP B 62 -20.67 14.53 -33.10
C ASP B 62 -20.88 13.04 -32.84
N TRP B 63 -19.92 12.22 -33.26
CA TRP B 63 -19.99 10.79 -33.00
C TRP B 63 -20.05 10.53 -31.50
N LEU B 64 -19.19 11.20 -30.73
CA LEU B 64 -19.10 10.94 -29.28
C LEU B 64 -20.45 11.17 -28.60
N VAL B 65 -21.09 12.30 -28.88
CA VAL B 65 -22.34 12.61 -28.19
C VAL B 65 -23.41 11.57 -28.50
N LYS B 66 -23.43 11.08 -29.75
CA LYS B 66 -24.40 10.06 -30.14
C LYS B 66 -24.17 8.73 -29.44
N GLN B 67 -22.98 8.51 -28.88
CA GLN B 67 -22.73 7.28 -28.13
C GLN B 67 -23.35 7.33 -26.73
N TYR B 68 -23.54 8.52 -26.17
CA TYR B 68 -24.26 8.62 -24.92
C TYR B 68 -25.74 8.32 -25.14
N PRO B 69 -26.40 7.68 -24.17
CA PRO B 69 -27.84 7.47 -24.30
C PRO B 69 -28.55 8.80 -24.37
N PRO B 70 -29.68 8.87 -25.08
CA PRO B 70 -30.34 10.16 -25.29
C PRO B 70 -30.57 10.94 -24.01
N GLU B 71 -30.99 10.28 -22.94
CA GLU B 71 -31.27 10.94 -21.67
C GLU B 71 -30.02 11.53 -21.02
N PHE B 72 -28.82 11.11 -21.43
CA PHE B 72 -27.59 11.61 -20.85
C PHE B 72 -26.84 12.57 -21.77
N ARG B 73 -27.36 12.81 -22.99
CA ARG B 73 -26.60 13.55 -23.98
C ARG B 73 -26.40 15.02 -23.61
N LYS B 74 -27.16 15.54 -22.66
CA LYS B 74 -26.97 16.93 -22.25
C LYS B 74 -26.25 17.07 -20.91
N LYS B 75 -25.93 15.97 -20.22
CA LYS B 75 -25.11 16.07 -19.02
C LYS B 75 -23.74 16.64 -19.37
N PRO B 76 -23.09 17.31 -18.43
CA PRO B 76 -21.80 17.93 -18.73
C PRO B 76 -20.74 16.90 -19.10
N ILE B 77 -19.90 17.27 -20.05
CA ILE B 77 -18.82 16.42 -20.55
C ILE B 77 -17.57 17.26 -20.64
N LEU B 78 -16.48 16.76 -20.08
CA LEU B 78 -15.19 17.42 -20.15
C LEU B 78 -14.28 16.64 -21.08
N LEU B 79 -13.82 17.28 -22.15
CA LEU B 79 -12.87 16.67 -23.06
C LEU B 79 -11.47 17.09 -22.64
N VAL B 80 -10.66 16.12 -22.22
CA VAL B 80 -9.26 16.36 -21.87
C VAL B 80 -8.42 15.94 -23.06
N HIS B 81 -7.76 16.90 -23.70
CA HIS B 81 -6.99 16.68 -24.93
C HIS B 81 -5.64 17.36 -24.81
N GLY B 82 -4.79 17.17 -25.82
CA GLY B 82 -3.49 17.82 -25.85
C GLY B 82 -3.27 18.73 -27.06
N ASP B 83 -4.35 19.10 -27.75
CA ASP B 83 -4.24 19.80 -29.02
C ASP B 83 -3.80 21.26 -28.84
N LYS B 84 -2.96 21.74 -29.76
CA LYS B 84 -2.48 23.12 -29.77
C LYS B 84 -2.84 23.81 -31.09
N ARG B 85 -2.85 25.15 -31.04
CA ARG B 85 -2.88 26.02 -32.23
C ARG B 85 -4.08 25.70 -33.11
N GLU B 86 -3.88 25.34 -34.38
CA GLU B 86 -5.00 25.10 -35.29
C GLU B 86 -5.77 23.84 -34.89
N ALA B 87 -5.05 22.77 -34.53
CA ALA B 87 -5.70 21.57 -34.03
C ALA B 87 -6.61 21.89 -32.85
N LYS B 88 -6.13 22.72 -31.92
CA LYS B 88 -6.94 23.12 -30.79
C LYS B 88 -8.19 23.87 -31.22
N ALA B 89 -8.04 24.78 -32.20
CA ALA B 89 -9.18 25.53 -32.70
C ALA B 89 -10.25 24.59 -33.26
N HIS B 90 -9.83 23.62 -34.08
CA HIS B 90 -10.79 22.71 -34.70
C HIS B 90 -11.59 21.96 -33.65
N LEU B 91 -10.94 21.47 -32.60
CA LEU B 91 -11.67 20.71 -31.57
C LEU B 91 -12.70 21.59 -30.86
N HIS B 92 -12.33 22.83 -30.54
CA HIS B 92 -13.30 23.77 -29.96
C HIS B 92 -14.47 23.98 -30.91
N ALA B 93 -14.20 24.12 -32.20
CA ALA B 93 -15.27 24.27 -33.19
C ALA B 93 -16.20 23.06 -33.17
N GLN B 94 -15.63 21.85 -33.11
CA GLN B 94 -16.44 20.64 -32.99
C GLN B 94 -17.38 20.71 -31.81
N ALA B 95 -16.91 21.23 -30.68
CA ALA B 95 -17.68 21.21 -29.45
C ALA B 95 -18.65 22.38 -29.33
N LYS B 96 -18.43 23.47 -30.07
CA LYS B 96 -19.30 24.64 -30.05
C LYS B 96 -20.80 24.31 -30.05
N PRO B 97 -21.32 23.42 -30.92
CA PRO B 97 -22.77 23.17 -30.93
C PRO B 97 -23.34 22.58 -29.66
N TYR B 98 -22.52 22.05 -28.74
CA TYR B 98 -22.99 21.37 -27.54
C TYR B 98 -22.62 22.21 -26.33
N GLU B 99 -23.65 22.80 -25.69
CA GLU B 99 -23.42 23.76 -24.61
C GLU B 99 -22.84 23.09 -23.37
N ASN B 100 -23.07 21.79 -23.20
CA ASN B 100 -22.66 21.03 -22.02
C ASN B 100 -21.21 20.55 -22.09
N ILE B 101 -20.48 20.86 -23.15
CA ILE B 101 -19.18 20.25 -23.37
C ILE B 101 -18.11 21.27 -23.08
N SER B 102 -17.28 20.98 -22.09
CA SER B 102 -16.12 21.79 -21.76
C SER B 102 -14.86 21.07 -22.21
N LEU B 103 -13.79 21.83 -22.35
CA LEU B 103 -12.53 21.32 -22.83
C LEU B 103 -11.41 21.68 -21.87
N CYS B 104 -10.46 20.77 -21.71
CA CYS B 104 -9.28 20.99 -20.88
C CYS B 104 -8.07 20.62 -21.73
N GLN B 105 -7.25 21.60 -22.05
CA GLN B 105 -6.04 21.35 -22.82
C GLN B 105 -4.93 20.97 -21.86
N ALA B 106 -4.50 19.71 -21.93
CA ALA B 106 -3.40 19.26 -21.09
C ALA B 106 -2.13 19.97 -21.55
N LYS B 107 -1.42 20.57 -20.60
CA LYS B 107 -0.18 21.24 -20.95
C LYS B 107 0.84 20.22 -21.43
N LEU B 108 1.48 20.54 -22.55
CA LEU B 108 2.52 19.70 -23.14
C LEU B 108 3.76 20.56 -23.29
N ASP B 109 4.46 20.77 -22.17
CA ASP B 109 5.56 21.71 -22.10
C ASP B 109 6.90 21.10 -22.50
N ILE B 110 6.92 19.83 -22.86
CA ILE B 110 8.10 19.21 -23.45
C ILE B 110 7.81 19.00 -24.93
N ALA B 111 8.84 19.14 -25.75
CA ALA B 111 8.67 19.05 -27.20
C ALA B 111 8.26 17.64 -27.61
N PHE B 112 7.43 17.57 -28.66
CA PHE B 112 6.98 16.33 -29.28
C PHE B 112 6.16 15.46 -28.34
N GLY B 113 5.57 16.08 -27.32
CA GLY B 113 4.71 15.35 -26.41
C GLY B 113 3.26 15.38 -26.85
N THR B 114 2.52 14.35 -26.45
CA THR B 114 1.13 14.20 -26.83
C THR B 114 0.34 13.71 -25.64
N HIS B 115 -0.97 13.89 -25.70
CA HIS B 115 -1.86 13.38 -24.67
C HIS B 115 -2.50 12.11 -25.21
N HIS B 116 -1.93 10.96 -24.85
CA HIS B 116 -2.39 9.66 -25.33
C HIS B 116 -3.34 8.96 -24.37
N THR B 117 -3.40 9.41 -23.12
CA THR B 117 -4.23 8.78 -22.10
C THR B 117 -5.67 8.66 -22.56
N LYS B 118 -6.23 7.47 -22.40
CA LYS B 118 -7.61 7.19 -22.78
C LYS B 118 -8.34 6.71 -21.54
N MET B 119 -9.22 7.56 -21.03
CA MET B 119 -9.86 7.28 -19.76
C MET B 119 -11.22 7.97 -19.75
N MET B 120 -12.19 7.31 -19.14
CA MET B 120 -13.48 7.91 -18.85
C MET B 120 -13.62 8.00 -17.34
N LEU B 121 -13.99 9.18 -16.85
CA LEU B 121 -14.48 9.33 -15.49
C LEU B 121 -15.99 9.53 -15.59
N LEU B 122 -16.74 8.64 -14.95
CA LEU B 122 -18.19 8.59 -15.08
C LEU B 122 -18.81 8.78 -13.71
N LEU B 123 -19.34 9.97 -13.45
CA LEU B 123 -20.00 10.26 -12.19
C LEU B 123 -21.48 9.95 -12.31
N TYR B 124 -21.98 9.04 -11.48
CA TYR B 124 -23.39 8.70 -11.44
C TYR B 124 -24.04 9.19 -10.15
N GLU B 125 -25.37 9.13 -10.16
CA GLU B 125 -26.13 9.29 -8.92
C GLU B 125 -25.71 8.24 -7.90
N GLU B 126 -25.43 7.02 -8.37
CA GLU B 126 -25.15 5.88 -7.50
C GLU B 126 -23.68 5.77 -7.09
N GLY B 127 -22.78 6.52 -7.72
CA GLY B 127 -21.38 6.37 -7.43
C GLY B 127 -20.52 6.90 -8.56
N LEU B 128 -19.30 6.37 -8.63
CA LEU B 128 -18.31 6.81 -9.61
C LEU B 128 -17.71 5.57 -10.28
N ARG B 129 -17.46 5.66 -11.60
CA ARG B 129 -16.77 4.62 -12.34
C ARG B 129 -15.60 5.23 -13.12
N VAL B 130 -14.53 4.46 -13.22
CA VAL B 130 -13.33 4.83 -13.95
C VAL B 130 -13.14 3.78 -15.04
N VAL B 131 -12.96 4.22 -16.27
CA VAL B 131 -12.68 3.34 -17.41
C VAL B 131 -11.32 3.72 -17.98
N ILE B 132 -10.42 2.76 -18.06
CA ILE B 132 -9.12 3.01 -18.67
C ILE B 132 -9.02 2.09 -19.88
N HIS B 133 -8.79 2.67 -21.06
CA HIS B 133 -8.96 1.90 -22.28
C HIS B 133 -7.96 2.40 -23.32
N THR B 134 -8.09 1.91 -24.55
CA THR B 134 -7.10 2.17 -25.57
C THR B 134 -7.65 2.80 -26.85
N SER B 135 -8.95 3.11 -26.92
CA SER B 135 -9.57 3.56 -28.16
C SER B 135 -9.69 5.08 -28.22
N ASN B 136 -9.37 5.64 -29.38
CA ASN B 136 -9.75 7.02 -29.66
C ASN B 136 -11.26 7.15 -29.74
N LEU B 137 -11.76 8.37 -29.56
CA LEU B 137 -13.20 8.57 -29.57
C LEU B 137 -13.63 8.94 -31.00
N ILE B 138 -13.41 7.98 -31.91
CA ILE B 138 -13.83 8.06 -33.30
C ILE B 138 -14.40 6.70 -33.71
N HIS B 139 -15.31 6.72 -34.68
CA HIS B 139 -15.99 5.50 -35.09
C HIS B 139 -15.01 4.39 -35.45
N ALA B 140 -13.95 4.73 -36.18
CA ALA B 140 -13.06 3.69 -36.71
C ALA B 140 -12.34 2.92 -35.59
N ASP B 141 -12.13 3.55 -34.44
CA ASP B 141 -11.40 2.86 -33.38
C ASP B 141 -12.24 1.83 -32.64
N TRP B 142 -13.57 1.88 -32.77
CA TRP B 142 -14.45 0.92 -32.14
C TRP B 142 -15.10 -0.03 -33.14
N HIS B 143 -14.67 -0.01 -34.40
CA HIS B 143 -15.38 -0.73 -35.45
C HIS B 143 -14.80 -2.11 -35.68
N GLN B 144 -13.57 -2.19 -36.19
CA GLN B 144 -12.97 -3.47 -36.53
C GLN B 144 -11.55 -3.61 -35.98
N LYS B 145 -11.27 -2.97 -34.85
CA LYS B 145 -9.95 -3.06 -34.23
C LYS B 145 -10.01 -3.88 -32.96
N THR B 146 -8.87 -4.43 -32.57
CA THR B 146 -8.70 -5.04 -31.25
C THR B 146 -8.26 -3.92 -30.29
N GLN B 147 -9.14 -3.59 -29.35
CA GLN B 147 -8.92 -2.57 -28.34
C GLN B 147 -9.19 -3.18 -26.97
N GLY B 148 -8.58 -2.61 -25.94
CA GLY B 148 -8.72 -3.11 -24.58
C GLY B 148 -9.37 -2.11 -23.63
N ILE B 149 -10.11 -2.64 -22.65
CA ILE B 149 -10.87 -1.83 -21.70
C ILE B 149 -10.75 -2.44 -20.31
N TRP B 150 -10.42 -1.62 -19.33
CA TRP B 150 -10.57 -1.99 -17.93
C TRP B 150 -11.73 -1.20 -17.31
N LEU B 151 -12.67 -1.92 -16.70
CA LEU B 151 -13.80 -1.29 -16.01
C LEU B 151 -13.60 -1.37 -14.51
N SER B 152 -13.57 -0.22 -13.85
CA SER B 152 -13.54 -0.20 -12.41
C SER B 152 -14.88 -0.69 -11.85
N PRO B 153 -14.91 -1.12 -10.59
CA PRO B 153 -16.21 -1.32 -9.93
C PRO B 153 -16.96 0.00 -9.83
N LEU B 154 -18.24 -0.11 -9.48
CA LEU B 154 -18.99 1.07 -9.05
C LEU B 154 -18.48 1.49 -7.69
N TYR B 155 -17.87 2.65 -7.62
CA TYR B 155 -17.34 3.15 -6.37
C TYR B 155 -18.43 3.92 -5.65
N PRO B 156 -18.83 3.52 -4.44
CA PRO B 156 -19.84 4.27 -3.68
C PRO B 156 -19.27 5.56 -3.12
N ARG B 157 -20.17 6.51 -2.87
CA ARG B 157 -19.75 7.76 -2.27
C ARG B 157 -19.47 7.54 -0.78
N ILE B 158 -18.45 8.22 -0.27
CA ILE B 158 -18.23 8.19 1.17
C ILE B 158 -19.21 9.16 1.81
N ALA B 159 -19.95 8.67 2.80
CA ALA B 159 -20.97 9.50 3.44
C ALA B 159 -20.36 10.81 3.95
N ASP B 160 -21.06 11.91 3.72
CA ASP B 160 -20.61 13.18 4.28
C ASP B 160 -20.71 13.10 5.79
N GLY B 161 -19.59 13.33 6.48
CA GLY B 161 -19.54 13.11 7.90
C GLY B 161 -18.51 12.07 8.30
N THR B 162 -18.54 10.90 7.65
CA THR B 162 -17.58 9.86 7.99
C THR B 162 -16.23 10.15 7.36
N HIS B 163 -15.17 9.85 8.12
CA HIS B 163 -13.79 10.04 7.68
C HIS B 163 -13.18 8.67 7.42
N LYS B 164 -12.97 8.35 6.14
CA LYS B 164 -12.23 7.15 5.78
C LYS B 164 -11.41 7.47 4.54
N SER B 165 -10.37 6.65 4.31
CA SER B 165 -9.49 6.95 3.19
C SER B 165 -10.16 6.64 1.86
N GLY B 166 -11.04 5.63 1.87
CA GLY B 166 -11.51 5.06 0.61
C GLY B 166 -10.41 4.50 -0.26
N GLU B 167 -9.28 4.10 0.35
CA GLU B 167 -8.11 3.68 -0.42
C GLU B 167 -8.09 2.17 -0.59
N SER B 168 -7.51 1.72 -1.71
N SER B 168 -7.51 1.72 -1.71
CA SER B 168 -7.37 0.30 -1.98
CA SER B 168 -7.38 0.30 -2.00
C SER B 168 -6.00 -0.19 -1.59
C SER B 168 -5.99 -0.20 -1.61
N PRO B 169 -5.83 -1.51 -1.40
CA PRO B 169 -4.47 -2.01 -1.14
C PRO B 169 -3.50 -1.75 -2.27
N THR B 170 -3.97 -1.44 -3.49
CA THR B 170 -3.08 -1.07 -4.57
C THR B 170 -2.79 0.42 -4.64
N HIS B 171 -3.33 1.22 -3.71
CA HIS B 171 -3.10 2.66 -3.66
C HIS B 171 -3.70 3.39 -4.85
N PHE B 172 -4.70 2.79 -5.48
CA PHE B 172 -5.24 3.31 -6.74
C PHE B 172 -5.83 4.71 -6.58
N LYS B 173 -6.55 4.95 -5.47
CA LYS B 173 -7.19 6.25 -5.28
C LYS B 173 -6.15 7.35 -5.23
N ALA B 174 -5.15 7.22 -4.35
CA ALA B 174 -4.09 8.21 -4.30
C ALA B 174 -3.34 8.32 -5.62
N ASP B 175 -3.11 7.19 -6.29
CA ASP B 175 -2.32 7.24 -7.52
C ASP B 175 -3.10 7.89 -8.66
N LEU B 176 -4.42 7.70 -8.71
CA LEU B 176 -5.20 8.38 -9.72
C LEU B 176 -5.24 9.88 -9.47
N ILE B 177 -5.39 10.29 -8.20
CA ILE B 177 -5.37 11.71 -7.87
C ILE B 177 -4.02 12.32 -8.23
N SER B 178 -2.93 11.61 -7.90
N SER B 178 -2.93 11.60 -7.91
CA SER B 178 -1.60 12.10 -8.25
CA SER B 178 -1.60 12.11 -8.25
C SER B 178 -1.46 12.28 -9.76
C SER B 178 -1.44 12.26 -9.75
N TYR B 179 -2.03 11.35 -10.53
CA TYR B 179 -1.96 11.47 -11.98
C TYR B 179 -2.72 12.70 -12.46
N LEU B 180 -3.92 12.92 -11.93
CA LEU B 180 -4.70 14.09 -12.32
C LEU B 180 -4.05 15.38 -11.82
N MET B 181 -3.41 15.33 -10.64
N MET B 181 -3.41 15.33 -10.64
CA MET B 181 -2.78 16.54 -10.12
CA MET B 181 -2.77 16.53 -10.11
C MET B 181 -1.67 17.04 -11.03
C MET B 181 -1.67 17.02 -11.03
N ALA B 182 -1.04 16.12 -11.77
CA ALA B 182 0.05 16.48 -12.67
C ALA B 182 -0.39 17.37 -13.84
N TYR B 183 -1.69 17.40 -14.15
CA TYR B 183 -2.16 18.32 -15.20
C TYR B 183 -2.12 19.77 -14.73
N ASN B 184 -2.31 20.01 -13.44
CA ASN B 184 -2.43 21.37 -12.91
C ASN B 184 -3.55 22.12 -13.62
N ALA B 185 -4.69 21.46 -13.79
CA ALA B 185 -5.80 21.99 -14.56
C ALA B 185 -6.98 22.22 -13.64
N PRO B 186 -7.58 23.41 -13.66
CA PRO B 186 -8.74 23.65 -12.77
C PRO B 186 -9.89 22.70 -12.99
N SER B 187 -10.20 22.33 -14.24
CA SER B 187 -11.32 21.42 -14.45
C SER B 187 -11.06 20.03 -13.90
N LEU B 188 -9.79 19.65 -13.78
CA LEU B 188 -9.46 18.33 -13.23
C LEU B 188 -9.40 18.35 -11.71
N LYS B 189 -9.07 19.50 -11.10
CA LYS B 189 -9.16 19.58 -9.65
C LYS B 189 -10.59 19.32 -9.18
N GLU B 190 -11.59 19.70 -9.98
CA GLU B 190 -12.97 19.35 -9.68
C GLU B 190 -13.17 17.83 -9.65
N TRP B 191 -12.56 17.13 -10.60
CA TRP B 191 -12.70 15.67 -10.62
C TRP B 191 -11.88 15.03 -9.50
N ILE B 192 -10.74 15.63 -9.14
CA ILE B 192 -10.01 15.18 -7.97
C ILE B 192 -10.91 15.19 -6.75
N ASP B 193 -11.64 16.29 -6.53
CA ASP B 193 -12.51 16.38 -5.36
C ASP B 193 -13.65 15.37 -5.44
N VAL B 194 -14.13 15.06 -6.65
CA VAL B 194 -15.12 13.99 -6.80
C VAL B 194 -14.54 12.65 -6.34
N ILE B 195 -13.33 12.35 -6.79
CA ILE B 195 -12.72 11.06 -6.44
C ILE B 195 -12.48 10.99 -4.94
N HIS B 196 -11.97 12.08 -4.35
CA HIS B 196 -11.82 12.18 -2.89
C HIS B 196 -13.06 11.73 -2.15
N LYS B 197 -14.25 12.06 -2.67
CA LYS B 197 -15.49 11.74 -1.98
C LYS B 197 -16.00 10.33 -2.21
N HIS B 198 -15.29 9.51 -2.99
CA HIS B 198 -15.74 8.17 -3.26
C HIS B 198 -14.78 7.14 -2.66
N ASP B 199 -15.33 5.96 -2.45
CA ASP B 199 -14.64 4.80 -1.87
C ASP B 199 -14.13 3.91 -3.00
N LEU B 200 -12.83 3.93 -3.24
CA LEU B 200 -12.19 3.14 -4.29
C LEU B 200 -11.49 1.90 -3.73
N SER B 201 -11.85 1.48 -2.52
CA SER B 201 -11.08 0.44 -1.83
C SER B 201 -11.18 -0.92 -2.51
N GLU B 202 -12.20 -1.18 -3.32
CA GLU B 202 -12.30 -2.47 -3.98
C GLU B 202 -11.35 -2.62 -5.17
N THR B 203 -10.62 -1.57 -5.53
CA THR B 203 -9.78 -1.62 -6.72
C THR B 203 -8.63 -2.58 -6.53
N ASN B 204 -8.49 -3.53 -7.46
CA ASN B 204 -7.44 -4.53 -7.35
C ASN B 204 -6.38 -4.40 -8.46
N VAL B 205 -6.38 -3.32 -9.24
CA VAL B 205 -5.30 -3.05 -10.19
C VAL B 205 -4.44 -1.90 -9.69
N TYR B 206 -3.21 -1.84 -10.20
CA TYR B 206 -2.29 -0.73 -9.97
C TYR B 206 -2.29 0.23 -11.15
N LEU B 207 -2.29 1.52 -10.86
CA LEU B 207 -2.25 2.54 -11.90
C LEU B 207 -0.83 2.75 -12.39
N ILE B 208 -0.62 2.76 -13.69
CA ILE B 208 0.70 3.06 -14.25
C ILE B 208 0.53 4.21 -15.23
N GLY B 209 0.96 5.40 -14.82
CA GLY B 209 0.79 6.58 -15.64
C GLY B 209 2.11 7.12 -16.15
N SER B 210 2.03 7.89 -17.22
CA SER B 210 3.11 8.73 -17.68
C SER B 210 2.58 10.15 -17.73
N THR B 211 3.40 11.10 -17.33
N THR B 211 3.38 11.11 -17.29
CA THR B 211 3.10 12.52 -17.43
CA THR B 211 3.10 12.53 -17.42
C THR B 211 4.36 13.23 -17.85
C THR B 211 4.37 13.21 -17.88
N PRO B 212 4.25 14.30 -18.64
CA PRO B 212 5.47 14.96 -19.16
C PRO B 212 6.28 15.58 -18.04
N GLY B 213 7.59 15.46 -18.15
CA GLY B 213 8.47 16.15 -17.23
C GLY B 213 9.82 15.47 -17.18
N ARG B 214 10.65 15.95 -16.26
N ARG B 214 10.64 15.94 -16.24
CA ARG B 214 11.95 15.38 -15.96
CA ARG B 214 11.95 15.38 -15.96
C ARG B 214 11.99 15.09 -14.48
C ARG B 214 12.02 15.08 -14.48
N PHE B 215 12.04 13.80 -14.12
CA PHE B 215 11.86 13.37 -12.75
C PHE B 215 13.13 12.76 -12.18
N GLN B 216 13.46 13.15 -10.95
CA GLN B 216 14.66 12.64 -10.29
C GLN B 216 14.34 12.32 -8.84
N GLY B 217 15.20 11.49 -8.24
CA GLY B 217 15.10 11.20 -6.82
C GLY B 217 13.78 10.56 -6.41
N SER B 218 13.07 11.23 -5.50
CA SER B 218 11.82 10.69 -4.98
C SER B 218 10.72 10.60 -6.03
N GLN B 219 10.81 11.40 -7.11
CA GLN B 219 9.77 11.40 -8.13
C GLN B 219 10.07 10.44 -9.28
N LYS B 220 11.30 9.94 -9.41
CA LYS B 220 11.65 9.09 -10.53
C LYS B 220 10.75 7.85 -10.63
N ASP B 221 10.31 7.32 -9.50
CA ASP B 221 9.50 6.11 -9.46
C ASP B 221 8.03 6.36 -9.76
N ASN B 222 7.63 7.61 -10.00
CA ASN B 222 6.21 7.91 -10.08
C ASN B 222 5.59 7.48 -11.41
N TRP B 223 6.38 7.43 -12.47
CA TRP B 223 5.83 7.42 -13.82
C TRP B 223 6.61 6.50 -14.74
N GLY B 224 5.98 6.14 -15.85
CA GLY B 224 6.68 5.47 -16.92
C GLY B 224 7.21 4.12 -16.50
N HIS B 225 8.35 3.75 -17.10
CA HIS B 225 8.84 2.40 -16.88
C HIS B 225 9.51 2.27 -15.51
N PHE B 226 9.91 3.38 -14.88
CA PHE B 226 10.34 3.28 -13.49
C PHE B 226 9.16 2.99 -12.57
N ARG B 227 7.99 3.52 -12.88
CA ARG B 227 6.80 3.17 -12.10
C ARG B 227 6.53 1.67 -12.21
N LEU B 228 6.63 1.11 -13.41
CA LEU B 228 6.45 -0.33 -13.55
C LEU B 228 7.50 -1.07 -12.73
N LYS B 229 8.77 -0.67 -12.84
CA LYS B 229 9.83 -1.34 -12.11
C LYS B 229 9.56 -1.32 -10.60
N LYS B 230 9.18 -0.16 -10.06
CA LYS B 230 8.91 -0.07 -8.63
C LYS B 230 7.78 -1.00 -8.21
N LEU B 231 6.71 -1.08 -9.01
CA LEU B 231 5.59 -1.95 -8.66
C LEU B 231 5.99 -3.42 -8.70
N LEU B 232 6.79 -3.81 -9.69
CA LEU B 232 7.20 -5.21 -9.79
C LEU B 232 8.15 -5.59 -8.65
N LYS B 233 9.01 -4.66 -8.25
CA LYS B 233 9.91 -4.89 -7.13
C LYS B 233 9.11 -5.11 -5.84
N ASP B 234 8.13 -4.25 -5.59
CA ASP B 234 7.43 -4.25 -4.30
C ASP B 234 6.27 -5.24 -4.23
N HIS B 235 5.72 -5.68 -5.35
CA HIS B 235 4.49 -6.45 -5.28
C HIS B 235 4.49 -7.70 -6.14
N ALA B 236 5.59 -8.03 -6.80
CA ALA B 236 5.76 -9.33 -7.43
C ALA B 236 6.92 -10.05 -6.76
N SER B 237 6.92 -11.38 -6.86
CA SER B 237 8.00 -12.18 -6.32
C SER B 237 8.74 -12.87 -7.45
N SER B 238 10.05 -13.05 -7.26
CA SER B 238 10.88 -13.71 -8.25
C SER B 238 10.83 -15.21 -8.04
N MET B 239 10.54 -15.95 -9.10
CA MET B 239 10.41 -17.40 -9.07
C MET B 239 11.70 -18.06 -9.54
N PRO B 240 11.85 -19.36 -9.32
CA PRO B 240 13.04 -20.05 -9.86
C PRO B 240 12.98 -20.09 -11.38
N ASN B 241 14.15 -19.91 -12.00
CA ASN B 241 14.26 -19.88 -13.46
C ASN B 241 13.47 -18.70 -14.04
N ALA B 242 13.47 -17.57 -13.31
CA ALA B 242 12.89 -16.35 -13.83
C ALA B 242 13.59 -15.89 -15.10
N GLU B 243 14.85 -16.30 -15.30
CA GLU B 243 15.55 -15.99 -16.55
C GLU B 243 14.81 -16.56 -17.76
N SER B 244 13.99 -17.59 -17.55
CA SER B 244 13.30 -18.28 -18.63
C SER B 244 11.89 -17.77 -18.86
N TRP B 245 11.38 -16.87 -18.00
CA TRP B 245 10.08 -16.26 -18.20
C TRP B 245 10.25 -15.10 -19.18
N PRO B 246 9.73 -15.23 -20.40
CA PRO B 246 9.88 -14.17 -21.40
C PRO B 246 9.14 -12.90 -21.00
N VAL B 247 9.45 -11.81 -21.69
CA VAL B 247 8.69 -10.58 -21.63
C VAL B 247 8.04 -10.42 -23.00
N VAL B 248 6.76 -10.03 -23.00
CA VAL B 248 6.02 -9.79 -24.23
C VAL B 248 5.58 -8.34 -24.25
N GLY B 249 5.84 -7.65 -25.36
CA GLY B 249 5.33 -6.31 -25.57
C GLY B 249 4.56 -6.30 -26.88
N GLN B 250 3.40 -5.65 -26.86
CA GLN B 250 2.45 -5.69 -27.97
C GLN B 250 1.90 -4.28 -28.14
N PHE B 251 2.01 -3.70 -29.33
CA PHE B 251 1.81 -2.26 -29.46
C PHE B 251 1.37 -1.94 -30.88
N SER B 252 0.93 -0.69 -31.09
CA SER B 252 0.47 -0.26 -32.41
C SER B 252 1.38 0.78 -33.07
N SER B 253 2.41 1.26 -32.38
CA SER B 253 3.38 2.17 -32.98
C SER B 253 4.72 1.98 -32.30
N VAL B 254 5.78 2.44 -32.97
CA VAL B 254 7.15 2.33 -32.46
C VAL B 254 7.82 3.68 -32.64
N GLY B 255 8.49 4.16 -31.59
CA GLY B 255 9.30 5.35 -31.70
C GLY B 255 10.72 5.00 -32.11
N SER B 256 11.53 6.05 -32.26
N SER B 256 11.53 6.04 -32.24
CA SER B 256 12.95 5.83 -32.52
CA SER B 256 12.95 5.85 -32.50
C SER B 256 13.63 5.37 -31.24
C SER B 256 13.64 5.37 -31.22
N LEU B 257 14.16 4.15 -31.24
CA LEU B 257 14.73 3.54 -30.05
C LEU B 257 16.24 3.63 -29.98
N GLY B 258 16.91 4.03 -31.06
CA GLY B 258 18.34 4.24 -31.05
C GLY B 258 19.06 3.34 -32.02
N ALA B 259 20.39 3.51 -32.05
CA ALA B 259 21.20 2.86 -33.07
C ALA B 259 21.27 1.35 -32.89
N ASP B 260 21.08 0.86 -31.68
CA ASP B 260 21.06 -0.57 -31.42
C ASP B 260 20.27 -0.81 -30.13
N GLU B 261 20.09 -2.10 -29.81
CA GLU B 261 19.24 -2.48 -28.69
C GLU B 261 19.77 -2.01 -27.34
N SER B 262 21.08 -1.79 -27.22
CA SER B 262 21.65 -1.39 -25.95
C SER B 262 21.38 0.07 -25.60
N LYS B 263 20.89 0.88 -26.54
CA LYS B 263 20.73 2.30 -26.25
C LYS B 263 19.53 2.57 -25.34
N TRP B 264 18.49 1.74 -25.40
CA TRP B 264 17.32 1.97 -24.56
C TRP B 264 16.47 0.72 -24.40
N LEU B 265 16.24 0.00 -25.49
CA LEU B 265 15.30 -1.12 -25.45
C LEU B 265 15.75 -2.19 -24.46
N CYS B 266 16.92 -2.78 -24.71
CA CYS B 266 17.39 -3.89 -23.90
C CYS B 266 18.17 -3.42 -22.68
N SER B 267 18.50 -2.13 -22.59
CA SER B 267 19.11 -1.63 -21.37
C SER B 267 18.00 -1.27 -20.39
N GLU B 268 17.51 -0.04 -20.41
CA GLU B 268 16.64 0.39 -19.32
C GLU B 268 15.21 -0.13 -19.46
N PHE B 269 14.65 -0.17 -20.68
CA PHE B 269 13.26 -0.58 -20.81
C PHE B 269 13.09 -2.06 -20.45
N LYS B 270 13.88 -2.93 -21.05
CA LYS B 270 13.81 -4.35 -20.71
C LYS B 270 14.17 -4.59 -19.25
N GLU B 271 15.12 -3.83 -18.71
CA GLU B 271 15.50 -3.99 -17.31
C GLU B 271 14.31 -3.78 -16.39
N SER B 272 13.53 -2.73 -16.64
CA SER B 272 12.37 -2.47 -15.80
C SER B 272 11.36 -3.62 -15.93
N MET B 273 11.15 -4.10 -17.16
CA MET B 273 10.13 -5.12 -17.38
C MET B 273 10.51 -6.50 -16.85
N LEU B 274 11.81 -6.76 -16.69
N LEU B 274 11.80 -6.79 -16.69
CA LEU B 274 12.27 -8.03 -16.12
CA LEU B 274 12.21 -8.07 -16.13
C LEU B 274 12.12 -8.08 -14.62
C LEU B 274 12.31 -8.06 -14.62
N THR B 275 12.01 -6.93 -13.97
CA THR B 275 12.06 -6.85 -12.51
C THR B 275 11.01 -7.75 -11.86
N LEU B 276 11.42 -8.45 -10.80
CA LEU B 276 10.53 -9.24 -9.95
C LEU B 276 11.15 -9.33 -8.57
N GLY B 277 10.44 -8.83 -7.56
CA GLY B 277 10.96 -8.90 -6.21
C GLY B 277 12.04 -7.85 -5.96
N LYS B 278 12.52 -7.86 -4.71
CA LYS B 278 13.38 -6.79 -4.22
C LYS B 278 14.86 -7.15 -4.18
N GLU B 279 15.24 -8.36 -4.59
CA GLU B 279 16.64 -8.74 -4.59
C GLU B 279 17.30 -8.38 -5.91
N SER B 280 18.61 -8.14 -5.86
CA SER B 280 19.38 -7.71 -7.02
C SER B 280 19.37 -8.76 -8.13
N SER B 286 21.16 -9.70 -19.75
CA SER B 286 20.12 -10.66 -19.41
C SER B 286 19.68 -11.49 -20.62
N SER B 287 19.55 -12.80 -20.42
CA SER B 287 19.15 -13.72 -21.48
C SER B 287 17.64 -13.99 -21.50
N VAL B 288 16.85 -13.09 -20.97
CA VAL B 288 15.40 -13.25 -20.98
C VAL B 288 14.88 -12.95 -22.39
N PRO B 289 14.12 -13.86 -23.00
CA PRO B 289 13.64 -13.59 -24.36
C PRO B 289 12.61 -12.48 -24.36
N LEU B 290 12.72 -11.60 -25.34
CA LEU B 290 11.83 -10.44 -25.49
C LEU B 290 11.05 -10.63 -26.79
N TYR B 291 9.73 -10.82 -26.66
CA TYR B 291 8.83 -10.99 -27.79
C TYR B 291 8.09 -9.68 -28.03
N LEU B 292 8.26 -9.09 -29.20
CA LEU B 292 7.52 -7.88 -29.54
C LEU B 292 6.51 -8.23 -30.61
N ILE B 293 5.24 -7.88 -30.37
CA ILE B 293 4.16 -8.21 -31.28
C ILE B 293 3.73 -6.93 -31.99
N TYR B 294 3.78 -6.94 -33.32
CA TYR B 294 3.45 -5.79 -34.16
C TYR B 294 3.03 -6.28 -35.54
N PRO B 295 1.92 -5.77 -36.10
CA PRO B 295 1.39 -6.31 -37.36
C PRO B 295 2.40 -6.24 -38.50
N SER B 296 2.56 -7.38 -39.19
CA SER B 296 3.28 -7.39 -40.46
C SER B 296 2.44 -6.69 -41.53
N VAL B 297 3.09 -6.40 -42.67
CA VAL B 297 2.37 -5.94 -43.84
C VAL B 297 1.26 -6.91 -44.21
N GLU B 298 1.55 -8.22 -44.15
N GLU B 298 1.53 -8.21 -44.13
CA GLU B 298 0.54 -9.21 -44.51
CA GLU B 298 0.53 -9.19 -44.53
C GLU B 298 -0.62 -9.20 -43.54
C GLU B 298 -0.62 -9.28 -43.53
N ASN B 299 -0.34 -9.08 -42.23
CA ASN B 299 -1.41 -8.98 -41.25
C ASN B 299 -2.37 -7.85 -41.61
N VAL B 300 -1.81 -6.71 -42.01
CA VAL B 300 -2.64 -5.55 -42.36
C VAL B 300 -3.36 -5.79 -43.68
N ARG B 301 -2.64 -6.31 -44.69
CA ARG B 301 -3.22 -6.48 -46.02
C ARG B 301 -4.50 -7.31 -45.95
N THR B 302 -4.48 -8.41 -45.20
CA THR B 302 -5.62 -9.30 -45.15
C THR B 302 -6.52 -9.04 -43.96
N SER B 303 -6.35 -7.90 -43.29
CA SER B 303 -7.19 -7.57 -42.15
C SER B 303 -8.62 -7.28 -42.62
N LEU B 304 -9.52 -7.15 -41.65
CA LEU B 304 -10.90 -6.80 -41.96
C LEU B 304 -10.99 -5.47 -42.70
N GLU B 305 -10.13 -4.51 -42.32
CA GLU B 305 -10.13 -3.19 -42.95
C GLU B 305 -9.30 -3.14 -44.21
N GLY B 306 -8.38 -4.10 -44.40
CA GLY B 306 -7.39 -4.00 -45.43
C GLY B 306 -6.30 -3.01 -45.06
N TYR B 307 -5.67 -2.46 -46.08
CA TYR B 307 -4.59 -1.50 -45.85
C TYR B 307 -5.00 -0.31 -44.99
N PRO B 308 -6.23 0.23 -45.06
CA PRO B 308 -6.56 1.38 -44.20
C PRO B 308 -6.43 1.08 -42.70
N ALA B 309 -6.39 -0.19 -42.29
CA ALA B 309 -6.04 -0.47 -40.90
C ALA B 309 -4.69 0.13 -40.54
N GLY B 310 -3.77 0.12 -41.50
CA GLY B 310 -2.45 0.68 -41.31
C GLY B 310 -2.43 2.18 -41.11
N GLY B 311 -3.55 2.87 -41.38
CA GLY B 311 -3.64 4.28 -41.01
C GLY B 311 -3.57 4.50 -39.52
N SER B 312 -3.85 3.45 -38.72
CA SER B 312 -3.76 3.51 -37.26
C SER B 312 -2.55 2.78 -36.72
N LEU B 313 -1.57 2.48 -37.58
CA LEU B 313 -0.33 1.83 -37.18
C LEU B 313 0.84 2.69 -37.67
N PRO B 314 1.08 3.85 -37.02
CA PRO B 314 1.92 4.92 -37.62
C PRO B 314 3.41 4.73 -37.40
N TYR B 315 3.95 3.63 -37.91
CA TYR B 315 5.39 3.37 -37.96
C TYR B 315 5.92 3.94 -39.27
N SER B 316 6.76 4.96 -39.18
CA SER B 316 7.23 5.69 -40.35
C SER B 316 8.52 5.07 -40.89
N ILE B 317 8.70 5.17 -42.22
CA ILE B 317 9.92 4.62 -42.83
C ILE B 317 11.15 5.35 -42.29
N GLN B 318 11.02 6.65 -42.03
CA GLN B 318 12.16 7.41 -41.53
C GLN B 318 12.66 6.86 -40.21
N THR B 319 11.74 6.47 -39.33
CA THR B 319 12.11 5.86 -38.05
C THR B 319 12.61 4.43 -38.26
N ALA B 320 11.86 3.64 -39.04
CA ALA B 320 12.16 2.21 -39.16
C ALA B 320 13.54 1.97 -39.79
N GLU B 321 13.88 2.72 -40.82
CA GLU B 321 15.16 2.49 -41.50
C GLU B 321 16.34 2.78 -40.58
N LYS B 322 16.14 3.58 -39.54
CA LYS B 322 17.18 3.86 -38.56
C LYS B 322 17.40 2.72 -37.57
N GLN B 323 16.56 1.69 -37.59
CA GLN B 323 16.59 0.68 -36.54
C GLN B 323 16.12 -0.68 -37.04
N ASN B 324 16.64 -1.11 -38.20
CA ASN B 324 16.26 -2.42 -38.69
C ASN B 324 16.65 -3.54 -37.72
N TRP B 325 17.58 -3.28 -36.80
CA TRP B 325 17.91 -4.27 -35.79
C TRP B 325 16.68 -4.68 -34.98
N LEU B 326 15.76 -3.75 -34.75
CA LEU B 326 14.58 -4.03 -33.94
C LEU B 326 13.73 -5.15 -34.54
N HIS B 327 13.64 -5.22 -35.86
CA HIS B 327 12.63 -6.04 -36.50
C HIS B 327 12.85 -7.54 -36.30
N SER B 328 14.05 -7.96 -35.92
N SER B 328 14.06 -7.96 -35.90
CA SER B 328 14.26 -9.36 -35.58
CA SER B 328 14.28 -9.36 -35.57
C SER B 328 13.47 -9.77 -34.33
C SER B 328 13.57 -9.77 -34.29
N TYR B 329 13.07 -8.82 -33.52
CA TYR B 329 12.27 -9.10 -32.33
C TYR B 329 10.77 -9.22 -32.65
N PHE B 330 10.38 -8.96 -33.90
CA PHE B 330 8.97 -8.76 -34.22
C PHE B 330 8.25 -10.08 -34.51
N HIS B 331 7.06 -10.21 -33.93
CA HIS B 331 6.19 -11.36 -34.06
C HIS B 331 4.85 -10.91 -34.63
N LYS B 332 4.23 -11.78 -35.42
CA LYS B 332 2.96 -11.46 -36.07
C LYS B 332 1.85 -11.24 -35.05
N TRP B 333 0.85 -10.48 -35.48
CA TRP B 333 -0.41 -10.40 -34.75
C TRP B 333 -1.24 -11.64 -35.06
N SER B 334 -1.66 -12.34 -34.02
CA SER B 334 -2.51 -13.51 -34.17
C SER B 334 -3.41 -13.56 -32.95
N ALA B 335 -4.71 -13.72 -33.17
CA ALA B 335 -5.64 -13.69 -32.06
C ALA B 335 -6.81 -14.65 -32.31
N GLU B 336 -6.48 -15.88 -32.72
CA GLU B 336 -7.50 -16.92 -32.86
C GLU B 336 -8.26 -17.12 -31.55
N THR B 337 -7.58 -16.98 -30.42
CA THR B 337 -8.23 -17.16 -29.12
C THR B 337 -9.45 -16.24 -28.94
N SER B 338 -9.40 -15.03 -29.50
CA SER B 338 -10.52 -14.10 -29.41
C SER B 338 -11.15 -13.80 -30.77
N GLY B 339 -10.88 -14.61 -31.80
CA GLY B 339 -11.49 -14.38 -33.10
C GLY B 339 -11.06 -13.10 -33.80
N ARG B 340 -9.89 -12.56 -33.44
CA ARG B 340 -9.51 -11.20 -33.80
C ARG B 340 -8.22 -11.14 -34.61
N SER B 341 -7.83 -12.26 -35.23
CA SER B 341 -6.59 -12.24 -36.02
C SER B 341 -6.68 -11.22 -37.16
N ASN B 342 -7.88 -10.92 -37.64
CA ASN B 342 -8.03 -9.95 -38.72
C ASN B 342 -8.50 -8.59 -38.22
N ALA B 343 -8.58 -8.39 -36.90
CA ALA B 343 -8.93 -7.10 -36.31
C ALA B 343 -7.63 -6.49 -35.78
N MET B 344 -7.07 -5.53 -36.51
CA MET B 344 -5.72 -5.09 -36.21
C MET B 344 -5.68 -4.42 -34.83
N PRO B 345 -4.58 -4.59 -34.09
CA PRO B 345 -4.53 -4.11 -32.71
C PRO B 345 -4.32 -2.60 -32.64
N HIS B 346 -5.16 -1.94 -31.85
CA HIS B 346 -4.82 -0.64 -31.29
C HIS B 346 -4.66 -0.72 -29.78
N ILE B 347 -4.99 -1.87 -29.18
CA ILE B 347 -4.60 -2.18 -27.80
C ILE B 347 -3.08 -2.20 -27.69
N LYS B 348 -2.58 -1.85 -26.50
CA LYS B 348 -1.18 -2.08 -26.15
C LYS B 348 -1.15 -2.88 -24.87
N THR B 349 -0.35 -3.94 -24.84
CA THR B 349 -0.28 -4.77 -23.66
C THR B 349 1.17 -5.19 -23.44
N TYR B 350 1.49 -5.49 -22.19
CA TYR B 350 2.80 -6.00 -21.83
C TYR B 350 2.60 -7.05 -20.75
N MET B 351 3.37 -8.14 -20.81
CA MET B 351 3.12 -9.19 -19.82
C MET B 351 4.34 -10.11 -19.70
N ARG B 352 4.31 -10.95 -18.69
CA ARG B 352 5.45 -11.78 -18.30
C ARG B 352 4.97 -13.22 -18.24
N PRO B 353 4.91 -13.90 -19.38
CA PRO B 353 4.47 -15.30 -19.39
C PRO B 353 5.53 -16.24 -18.85
N SER B 354 5.06 -17.41 -18.43
CA SER B 354 5.98 -18.49 -18.06
C SER B 354 6.62 -19.09 -19.33
N PRO B 355 7.70 -19.87 -19.17
CA PRO B 355 8.41 -20.37 -20.37
C PRO B 355 7.56 -21.19 -21.32
N ASP B 356 6.48 -21.81 -20.85
CA ASP B 356 5.55 -22.51 -21.73
C ASP B 356 4.27 -21.72 -21.97
N PHE B 357 4.22 -20.46 -21.56
CA PHE B 357 3.10 -19.54 -21.84
C PHE B 357 1.78 -19.99 -21.23
N SER B 358 1.80 -20.89 -20.24
CA SER B 358 0.56 -21.30 -19.60
C SER B 358 0.18 -20.43 -18.42
N LYS B 359 1.12 -19.66 -17.89
CA LYS B 359 0.88 -18.75 -16.77
C LYS B 359 1.51 -17.40 -17.09
N ILE B 360 1.11 -16.37 -16.33
CA ILE B 360 1.73 -15.06 -16.46
C ILE B 360 1.96 -14.48 -15.05
N ALA B 361 3.08 -13.77 -14.88
CA ALA B 361 3.40 -13.15 -13.61
C ALA B 361 2.75 -11.79 -13.44
N TRP B 362 2.34 -11.15 -14.54
CA TRP B 362 1.59 -9.90 -14.49
C TRP B 362 1.12 -9.58 -15.89
N PHE B 363 0.16 -8.67 -15.96
CA PHE B 363 -0.40 -8.23 -17.24
C PHE B 363 -0.70 -6.74 -17.14
N LEU B 364 -0.31 -6.00 -18.17
CA LEU B 364 -0.51 -4.56 -18.26
C LEU B 364 -1.23 -4.23 -19.55
N VAL B 365 -2.31 -3.47 -19.46
CA VAL B 365 -2.95 -2.87 -20.63
C VAL B 365 -2.81 -1.35 -20.49
N THR B 366 -2.46 -0.68 -21.57
CA THR B 366 -2.05 0.73 -21.47
C THR B 366 -2.21 1.40 -22.82
N SER B 367 -2.17 2.73 -22.79
CA SER B 367 -2.05 3.51 -24.02
C SER B 367 -0.62 3.55 -24.54
N ALA B 368 0.38 3.15 -23.74
CA ALA B 368 1.78 3.37 -24.08
C ALA B 368 2.26 2.43 -25.17
N ASN B 369 2.68 3.00 -26.29
CA ASN B 369 3.36 2.28 -27.35
C ASN B 369 4.82 2.03 -26.98
N LEU B 370 5.55 1.37 -27.88
CA LEU B 370 6.97 1.10 -27.65
C LEU B 370 7.77 2.36 -28.02
N SER B 371 7.75 3.34 -27.12
CA SER B 371 8.44 4.60 -27.38
C SER B 371 9.03 5.16 -26.09
N LYS B 372 10.16 5.85 -26.25
CA LYS B 372 10.74 6.58 -25.12
C LYS B 372 9.87 7.75 -24.70
N ALA B 373 9.16 8.36 -25.64
CA ALA B 373 8.26 9.45 -25.29
C ALA B 373 7.19 8.99 -24.30
N ALA B 374 6.68 7.76 -24.48
CA ALA B 374 5.61 7.26 -23.63
C ALA B 374 6.14 6.69 -22.32
N TRP B 375 7.23 5.93 -22.39
CA TRP B 375 7.74 5.18 -21.25
C TRP B 375 8.81 5.92 -20.46
N GLY B 376 9.48 6.88 -21.07
CA GLY B 376 10.54 7.62 -20.40
C GLY B 376 11.92 7.17 -20.83
N ALA B 377 12.85 8.12 -20.85
CA ALA B 377 14.25 7.90 -21.18
C ALA B 377 15.12 8.57 -20.14
N LEU B 378 16.10 7.84 -19.63
CA LEU B 378 17.00 8.39 -18.62
C LEU B 378 17.91 9.45 -19.23
N GLU B 379 18.13 10.53 -18.47
CA GLU B 379 19.01 11.62 -18.86
C GLU B 379 19.97 11.92 -17.72
N LYS B 380 20.90 12.83 -18.00
CA LYS B 380 21.83 13.37 -17.00
C LYS B 380 22.52 12.25 -16.22
N ASN B 381 23.09 11.30 -16.96
CA ASN B 381 23.88 10.21 -16.38
C ASN B 381 23.03 9.38 -15.41
N GLY B 382 21.84 9.00 -15.85
CA GLY B 382 20.94 8.22 -15.04
C GLY B 382 20.20 8.98 -13.96
N THR B 383 20.41 10.30 -13.87
CA THR B 383 19.77 11.09 -12.82
C THR B 383 18.28 11.28 -13.09
N GLN B 384 17.94 11.62 -14.33
CA GLN B 384 16.65 12.17 -14.68
C GLN B 384 15.92 11.23 -15.64
N LEU B 385 14.64 11.00 -15.37
CA LEU B 385 13.77 10.27 -16.27
C LEU B 385 12.90 11.31 -16.99
N MET B 386 13.10 11.44 -18.30
CA MET B 386 12.35 12.39 -19.11
C MET B 386 11.22 11.65 -19.84
N ILE B 387 10.00 12.12 -19.63
CA ILE B 387 8.81 11.62 -20.30
C ILE B 387 8.21 12.77 -21.08
N ARG B 388 7.78 12.51 -22.32
CA ARG B 388 7.21 13.56 -23.14
C ARG B 388 5.68 13.61 -23.12
N SER B 389 5.01 12.49 -22.84
CA SER B 389 3.59 12.36 -23.12
CA SER B 389 3.59 12.36 -23.12
C SER B 389 2.82 11.92 -21.89
N TYR B 390 1.50 12.11 -21.95
CA TYR B 390 0.57 11.52 -21.02
C TYR B 390 0.20 10.13 -21.53
N GLU B 391 0.32 9.13 -20.66
CA GLU B 391 -0.10 7.77 -20.95
C GLU B 391 -0.72 7.17 -19.70
N LEU B 392 -1.54 6.13 -19.86
CA LEU B 392 -2.17 5.54 -18.68
C LEU B 392 -2.56 4.10 -18.94
N GLY B 393 -2.31 3.23 -17.96
CA GLY B 393 -2.71 1.84 -18.05
C GLY B 393 -2.91 1.26 -16.66
N VAL B 394 -3.37 0.01 -16.62
CA VAL B 394 -3.57 -0.67 -15.34
C VAL B 394 -2.81 -1.97 -15.35
N LEU B 395 -2.23 -2.30 -14.20
CA LEU B 395 -1.39 -3.48 -14.02
C LEU B 395 -2.13 -4.49 -13.14
N PHE B 396 -2.25 -5.70 -13.65
CA PHE B 396 -2.80 -6.85 -12.95
C PHE B 396 -1.65 -7.64 -12.37
N LEU B 397 -1.58 -7.71 -11.04
CA LEU B 397 -0.57 -8.45 -10.32
C LEU B 397 -1.23 -9.57 -9.53
N PRO B 398 -0.72 -10.81 -9.65
CA PRO B 398 -1.33 -11.93 -8.91
C PRO B 398 -1.50 -11.68 -7.43
N SER B 399 -0.51 -11.04 -6.80
CA SER B 399 -0.61 -10.76 -5.37
C SER B 399 -1.85 -9.95 -5.01
N ALA B 400 -2.29 -9.05 -5.90
CA ALA B 400 -3.46 -8.23 -5.61
C ALA B 400 -4.74 -9.05 -5.62
N PHE B 401 -4.67 -10.28 -6.14
CA PHE B 401 -5.79 -11.20 -6.20
C PHE B 401 -5.57 -12.41 -5.29
N GLY B 402 -4.56 -12.36 -4.43
CA GLY B 402 -4.28 -13.49 -3.56
C GLY B 402 -3.68 -14.69 -4.25
N LEU B 403 -3.03 -14.49 -5.40
CA LEU B 403 -2.46 -15.56 -6.21
C LEU B 403 -0.96 -15.38 -6.36
N ASP B 404 -0.29 -16.46 -6.77
CA ASP B 404 1.12 -16.40 -7.11
C ASP B 404 1.34 -16.10 -8.58
N SER B 405 0.38 -16.50 -9.42
CA SER B 405 0.42 -16.22 -10.84
C SER B 405 -0.99 -16.35 -11.37
N PHE B 406 -1.20 -15.91 -12.60
CA PHE B 406 -2.46 -16.10 -13.30
C PHE B 406 -2.32 -17.26 -14.29
N LYS B 407 -3.36 -18.08 -14.39
CA LYS B 407 -3.42 -19.02 -15.51
C LYS B 407 -3.93 -18.29 -16.74
N VAL B 408 -3.39 -18.62 -17.90
CA VAL B 408 -3.84 -18.00 -19.13
C VAL B 408 -5.14 -18.68 -19.58
N LYS B 409 -6.18 -17.88 -19.78
CA LYS B 409 -7.45 -18.39 -20.28
C LYS B 409 -7.26 -18.98 -21.67
N GLN B 410 -7.72 -20.22 -21.87
CA GLN B 410 -7.36 -20.93 -23.10
C GLN B 410 -8.07 -20.37 -24.31
N LYS B 411 -9.37 -20.11 -24.19
CA LYS B 411 -10.13 -19.34 -25.17
C LYS B 411 -10.65 -18.10 -24.47
N PHE B 412 -10.45 -16.94 -25.12
CA PHE B 412 -10.72 -15.65 -24.47
C PHE B 412 -12.17 -15.54 -24.00
N PHE B 413 -13.11 -16.09 -24.76
CA PHE B 413 -14.53 -15.97 -24.47
C PHE B 413 -15.14 -17.26 -23.92
N ALA B 414 -14.32 -18.25 -23.57
CA ALA B 414 -14.81 -19.51 -23.03
C ALA B 414 -15.12 -19.36 -21.54
N GLY B 415 -15.46 -20.47 -20.89
CA GLY B 415 -15.78 -20.45 -19.47
C GLY B 415 -14.57 -20.52 -18.56
N PRO B 419 -11.44 -22.26 -13.38
CA PRO B 419 -11.74 -21.27 -12.33
C PRO B 419 -11.53 -19.85 -12.84
N MET B 420 -12.42 -18.94 -12.46
CA MET B 420 -12.39 -17.57 -13.00
C MET B 420 -11.15 -16.78 -12.58
N ALA B 421 -10.17 -17.43 -11.94
CA ALA B 421 -8.86 -16.82 -11.70
C ALA B 421 -7.87 -17.13 -12.82
N THR B 422 -8.36 -17.20 -14.05
CA THR B 422 -7.52 -17.29 -15.23
C THR B 422 -7.62 -15.99 -16.03
N PHE B 423 -6.49 -15.51 -16.49
CA PHE B 423 -6.54 -14.16 -17.05
C PHE B 423 -6.80 -14.21 -18.54
N PRO B 424 -7.71 -13.36 -19.05
CA PRO B 424 -8.09 -13.41 -20.47
C PRO B 424 -7.11 -12.66 -21.38
N VAL B 425 -6.02 -13.33 -21.71
CA VAL B 425 -5.06 -12.76 -22.69
C VAL B 425 -5.73 -12.72 -24.05
N PRO B 426 -5.77 -11.56 -24.74
CA PRO B 426 -6.60 -11.43 -25.93
C PRO B 426 -6.00 -11.95 -27.23
N TYR B 427 -4.71 -12.30 -27.27
CA TYR B 427 -4.09 -12.81 -28.48
C TYR B 427 -3.37 -14.12 -28.17
N ASP B 428 -2.82 -14.73 -29.23
CA ASP B 428 -2.34 -16.10 -29.16
C ASP B 428 -0.95 -16.18 -28.58
N LEU B 429 -0.71 -17.26 -27.82
CA LEU B 429 0.61 -17.54 -27.27
C LEU B 429 1.00 -18.96 -27.64
N PRO B 430 2.28 -19.22 -27.96
CA PRO B 430 3.34 -18.22 -28.05
C PRO B 430 3.21 -17.36 -29.31
N PRO B 431 3.74 -16.13 -29.27
CA PRO B 431 3.75 -15.30 -30.47
C PRO B 431 4.56 -15.97 -31.57
N GLU B 432 4.13 -15.78 -32.81
CA GLU B 432 4.80 -16.36 -33.98
C GLU B 432 5.75 -15.35 -34.60
N LEU B 433 7.00 -15.74 -34.74
CA LEU B 433 8.00 -14.87 -35.34
C LEU B 433 7.64 -14.55 -36.80
N TYR B 434 7.99 -13.33 -37.22
CA TYR B 434 7.90 -12.97 -38.63
C TYR B 434 8.64 -14.00 -39.48
N GLY B 435 8.04 -14.36 -40.61
CA GLY B 435 8.74 -15.13 -41.62
C GLY B 435 9.78 -14.30 -42.35
N SER B 436 10.62 -14.99 -43.12
CA SER B 436 11.74 -14.33 -43.79
C SER B 436 11.26 -13.27 -44.78
N LYS B 437 10.07 -13.44 -45.33
CA LYS B 437 9.53 -12.49 -46.29
C LYS B 437 8.68 -11.42 -45.63
N ASP B 438 8.31 -11.59 -44.37
CA ASP B 438 7.49 -10.62 -43.67
C ASP B 438 8.27 -9.33 -43.44
N ARG B 439 7.53 -8.21 -43.42
CA ARG B 439 8.06 -6.92 -43.05
C ARG B 439 7.10 -6.27 -42.06
N PRO B 440 7.60 -5.42 -41.16
CA PRO B 440 6.70 -4.66 -40.29
C PRO B 440 5.86 -3.73 -41.15
N TRP B 441 4.61 -3.54 -40.74
CA TRP B 441 3.81 -2.52 -41.38
C TRP B 441 4.46 -1.16 -41.19
N ILE B 442 4.67 -0.44 -42.29
CA ILE B 442 5.22 0.90 -42.30
C ILE B 442 4.22 1.76 -43.05
N TRP B 443 3.69 2.78 -42.40
CA TRP B 443 2.44 3.34 -42.88
C TRP B 443 2.62 4.35 -44.00
N ASN B 444 3.83 4.89 -44.20
CA ASN B 444 4.01 5.95 -45.18
C ASN B 444 4.87 5.52 -46.36
N ILE B 445 4.83 4.24 -46.75
CA ILE B 445 5.34 3.80 -48.04
C ILE B 445 4.21 3.11 -48.77
N PRO B 446 4.29 3.00 -50.09
CA PRO B 446 3.18 2.39 -50.85
C PRO B 446 3.27 0.87 -50.88
N TYR B 447 2.10 0.25 -50.94
CA TYR B 447 1.95 -1.19 -51.14
C TYR B 447 1.05 -1.33 -52.35
N VAL B 448 1.65 -1.61 -53.51
CA VAL B 448 0.93 -1.58 -54.77
C VAL B 448 1.06 -2.88 -55.56
N LYS B 449 1.82 -3.87 -55.06
CA LYS B 449 1.97 -5.13 -55.76
C LYS B 449 0.88 -6.15 -55.39
N ALA B 450 0.24 -5.99 -54.23
CA ALA B 450 -0.74 -6.97 -53.80
C ALA B 450 -1.97 -6.28 -53.23
N PRO B 451 -3.15 -6.49 -53.81
CA PRO B 451 -4.34 -5.84 -53.31
C PRO B 451 -4.73 -6.40 -51.95
N ASP B 452 -5.43 -5.57 -51.16
CA ASP B 452 -5.82 -5.97 -49.82
C ASP B 452 -7.19 -6.66 -49.84
N THR B 453 -7.80 -6.80 -48.66
CA THR B 453 -9.10 -7.43 -48.49
C THR B 453 -10.18 -6.83 -49.39
N HIS B 454 -10.12 -5.53 -49.66
CA HIS B 454 -11.17 -4.87 -50.42
C HIS B 454 -10.70 -4.55 -51.85
N GLY B 455 -9.69 -5.26 -52.33
CA GLY B 455 -9.23 -5.07 -53.69
C GLY B 455 -8.43 -3.81 -53.94
N ASN B 456 -7.91 -3.18 -52.89
CA ASN B 456 -7.28 -1.88 -53.00
C ASN B 456 -5.78 -1.94 -52.76
N MET B 457 -5.10 -0.93 -53.26
CA MET B 457 -3.70 -0.70 -52.94
C MET B 457 -3.59 0.42 -51.91
N TRP B 458 -2.38 0.63 -51.39
CA TRP B 458 -2.12 1.66 -50.38
C TRP B 458 -1.09 2.63 -50.94
N VAL B 459 -1.50 3.88 -51.10
CA VAL B 459 -0.60 4.92 -51.60
C VAL B 459 -0.73 6.14 -50.69
N PRO B 460 0.18 6.33 -49.73
CA PRO B 460 0.05 7.52 -48.87
C PRO B 460 0.29 8.81 -49.67
#